data_1H27
#
_entry.id   1H27
#
_cell.length_a   73.687
_cell.length_b   133.547
_cell.length_c   148.081
_cell.angle_alpha   90.00
_cell.angle_beta   90.00
_cell.angle_gamma   90.00
#
_symmetry.space_group_name_H-M   'P 21 21 21'
#
loop_
_entity.id
_entity.type
_entity.pdbx_description
1 polymer 'CELL DIVISION PROTEIN KINASE 2'
2 polymer 'CYCLIN A2'
3 polymer 'CYCLIN-DEPENDENT KINASE INHIBITOR 1B'
4 water water
#
loop_
_entity_poly.entity_id
_entity_poly.type
_entity_poly.pdbx_seq_one_letter_code
_entity_poly.pdbx_strand_id
1 'polypeptide(L)'
;GPLGSMENFQKVEKIGEGTYGVVYKARNKLTGEVVALKKIRLDTETEGVPSTAIREISLLKELNHPNIVKLLDVIHTENK
LYLVFEFLHQDLKKFMDASALTGIPLPLIKSYLFQLLQGLAFCHSHRVLHRDLKPQNLLINTEGAIKLADFGLARAFGVP
VRTY(TPO)HEVVTLWYRAPEILLGCKYYSTAVDIWSLGCIFAEMVTRRALFPGDSEIDQLFRIFRTLGTPDEVVWPGVT
SMPDYKPSFPKWARQDFSKVVPPLDEDGRSLLSQMLHYDPNKRISAKAALAHPFFQDVTKPVPHLRL
;
A,C
2 'polypeptide(L)'
;EVPDYHEDIHTYLREMEVKCKPKVGYMKKQPDITNSMRAILVDWLVEVGEEYKLQNETLHLAVNYIDRFLSSMSVLRGKL
QLVGTAAMLLASKFEEIYPPEVAEFVYITDDTYTKKQVLRMEHLVLKVLTFDLAAPTVNQFLTQYFLHQQPANCKVESLA
MFLGELSLIDADPYLKYLPSVIAGAAFHLALYTVTGQSWPESLIRKTGYTLESLKPCLMDLHQTYLKAPQHAQQSIREKY
KNSKYHGVSLLNPPETLNL
;
B,D
3 'polypeptide(L)' KPSACRNLFGP E
#
# COMPACT_ATOMS: atom_id res chain seq x y z
N SER A 5 -1.67 -1.96 18.84
CA SER A 5 -2.78 -2.97 18.92
C SER A 5 -3.89 -2.53 19.86
N MET A 6 -4.56 -3.54 20.43
CA MET A 6 -5.51 -3.32 21.49
C MET A 6 -4.94 -2.53 22.66
N GLU A 7 -3.62 -2.44 22.77
CA GLU A 7 -3.06 -1.68 23.88
C GLU A 7 -3.45 -0.22 23.80
N ASN A 8 -3.78 0.30 22.63
CA ASN A 8 -4.11 1.69 22.56
C ASN A 8 -5.58 1.98 22.78
N PHE A 9 -6.40 0.94 22.96
CA PHE A 9 -7.83 1.11 23.14
C PHE A 9 -8.30 0.86 24.58
N GLN A 10 -9.15 1.76 25.07
CA GLN A 10 -9.72 1.66 26.39
C GLN A 10 -11.22 1.48 26.26
N LYS A 11 -11.74 0.29 26.54
CA LYS A 11 -13.17 0.03 26.51
C LYS A 11 -14.02 0.94 27.43
N VAL A 12 -15.16 1.41 26.95
CA VAL A 12 -15.98 2.31 27.72
C VAL A 12 -17.29 1.65 28.12
N GLU A 13 -17.91 0.95 27.18
CA GLU A 13 -19.12 0.22 27.48
C GLU A 13 -19.56 -0.61 26.30
N LYS A 14 -20.45 -1.56 26.58
CA LYS A 14 -21.05 -2.40 25.56
C LYS A 14 -22.05 -1.58 24.74
N ILE A 15 -22.09 -1.82 23.43
CA ILE A 15 -23.06 -1.12 22.60
C ILE A 15 -24.15 -2.05 22.14
N GLY A 16 -23.75 -3.11 21.45
CA GLY A 16 -24.67 -4.02 20.81
C GLY A 16 -24.09 -5.41 20.81
N GLU A 17 -24.53 -6.23 19.86
CA GLU A 17 -24.08 -7.60 19.75
C GLU A 17 -24.40 -8.16 18.37
N GLY A 18 -23.38 -8.70 17.72
CA GLY A 18 -23.51 -9.26 16.38
C GLY A 18 -23.62 -10.77 16.42
N THR A 19 -23.37 -11.42 15.28
CA THR A 19 -23.63 -12.84 15.12
C THR A 19 -22.51 -13.75 15.65
N TYR A 20 -21.26 -13.30 15.54
CA TYR A 20 -20.12 -14.01 16.10
C TYR A 20 -19.39 -13.14 17.13
N GLY A 21 -20.09 -12.18 17.72
CA GLY A 21 -19.47 -11.35 18.73
C GLY A 21 -20.31 -10.21 19.27
N VAL A 22 -19.63 -9.38 20.05
CA VAL A 22 -20.23 -8.25 20.72
C VAL A 22 -19.50 -6.99 20.33
N VAL A 23 -20.22 -5.88 20.28
CA VAL A 23 -19.64 -4.61 19.96
C VAL A 23 -19.42 -3.79 21.23
N TYR A 24 -18.25 -3.14 21.29
CA TYR A 24 -17.95 -2.20 22.34
C TYR A 24 -17.66 -0.83 21.77
N LYS A 25 -18.06 0.17 22.53
CA LYS A 25 -17.56 1.50 22.37
C LYS A 25 -16.22 1.59 23.05
N ALA A 26 -15.24 2.23 22.43
CA ALA A 26 -13.91 2.27 23.03
C ALA A 26 -13.23 3.54 22.59
N ARG A 27 -12.22 4.00 23.35
CA ARG A 27 -11.47 5.17 22.91
C ARG A 27 -9.98 4.92 22.73
N ASN A 28 -9.41 5.68 21.80
CA ASN A 28 -8.01 5.59 21.45
C ASN A 28 -7.27 6.51 22.40
N LYS A 29 -6.57 5.88 23.32
CA LYS A 29 -5.86 6.59 24.37
C LYS A 29 -4.89 7.59 23.81
N LEU A 30 -4.42 7.38 22.60
CA LEU A 30 -3.43 8.28 22.03
C LEU A 30 -4.02 9.40 21.17
N THR A 31 -5.00 9.09 20.35
CA THR A 31 -5.52 10.14 19.48
C THR A 31 -6.71 10.81 20.08
N GLY A 32 -7.36 10.06 20.96
CA GLY A 32 -8.62 10.47 21.54
C GLY A 32 -9.85 10.02 20.75
N GLU A 33 -9.63 9.44 19.57
CA GLU A 33 -10.76 9.02 18.75
C GLU A 33 -11.61 8.00 19.50
N VAL A 34 -12.92 8.16 19.37
CA VAL A 34 -13.87 7.16 19.84
C VAL A 34 -14.24 6.20 18.73
N VAL A 35 -14.42 4.93 19.04
CA VAL A 35 -14.70 3.93 18.01
C VAL A 35 -15.63 2.83 18.51
N ALA A 36 -16.07 2.00 17.57
CA ALA A 36 -16.81 0.80 17.90
C ALA A 36 -15.96 -0.38 17.55
N LEU A 37 -15.71 -1.24 18.53
CA LEU A 37 -14.92 -2.44 18.32
C LEU A 37 -15.81 -3.64 18.28
N LYS A 38 -15.77 -4.36 17.17
CA LYS A 38 -16.63 -5.52 16.92
C LYS A 38 -15.75 -6.76 16.95
N LYS A 39 -15.72 -7.44 18.09
CA LYS A 39 -14.85 -8.59 18.28
C LYS A 39 -15.41 -9.78 17.54
N ILE A 40 -14.53 -10.62 17.01
CA ILE A 40 -14.93 -11.83 16.32
C ILE A 40 -14.12 -13.01 16.85
N ARG A 41 -14.82 -13.96 17.47
CA ARG A 41 -14.19 -15.14 18.05
C ARG A 41 -13.90 -16.17 16.97
N LEU A 42 -12.65 -16.62 16.91
CA LEU A 42 -12.20 -17.49 15.84
C LEU A 42 -12.03 -18.92 16.33
N ASP A 43 -11.24 -19.07 17.39
CA ASP A 43 -10.81 -20.37 17.88
C ASP A 43 -10.05 -21.12 16.76
N THR A 44 -10.09 -22.45 16.81
CA THR A 44 -9.46 -23.28 15.78
C THR A 44 -10.15 -24.64 15.77
N GLU A 45 -9.83 -25.49 14.80
CA GLU A 45 -10.53 -26.76 14.65
C GLU A 45 -11.94 -26.41 14.17
N THR A 46 -12.22 -25.11 14.09
CA THR A 46 -13.51 -24.64 13.65
C THR A 46 -13.53 -24.70 12.13
N GLU A 47 -14.05 -23.66 11.53
CA GLU A 47 -14.09 -23.57 10.10
C GLU A 47 -13.29 -22.34 9.68
N GLY A 48 -12.54 -21.80 10.63
CA GLY A 48 -11.66 -20.67 10.38
C GLY A 48 -12.39 -19.32 10.44
N VAL A 49 -11.92 -18.36 9.66
CA VAL A 49 -12.55 -17.05 9.68
C VAL A 49 -13.89 -17.12 9.01
N PRO A 50 -14.95 -16.83 9.75
CA PRO A 50 -16.30 -16.94 9.21
C PRO A 50 -16.40 -16.19 7.88
N SER A 51 -17.20 -16.73 6.96
CA SER A 51 -17.27 -16.17 5.64
C SER A 51 -17.95 -14.80 5.65
N THR A 52 -18.89 -14.59 6.57
CA THR A 52 -19.45 -13.27 6.76
C THR A 52 -18.35 -12.25 7.00
N ALA A 53 -17.37 -12.60 7.81
CA ALA A 53 -16.38 -11.62 8.21
C ALA A 53 -15.41 -11.38 7.05
N ILE A 54 -15.13 -12.45 6.30
CA ILE A 54 -14.37 -12.36 5.06
C ILE A 54 -15.02 -11.26 4.18
N ARG A 55 -16.32 -11.37 3.97
CA ARG A 55 -17.02 -10.44 3.08
C ARG A 55 -17.08 -9.05 3.70
N GLU A 56 -17.41 -8.98 4.98
CA GLU A 56 -17.54 -7.68 5.60
C GLU A 56 -16.27 -6.86 5.46
N ILE A 57 -15.13 -7.47 5.79
CA ILE A 57 -13.90 -6.74 5.78
C ILE A 57 -13.47 -6.37 4.36
N SER A 58 -13.43 -7.34 3.46
CA SER A 58 -12.91 -7.09 2.12
C SER A 58 -13.73 -6.03 1.40
N LEU A 59 -15.05 -6.06 1.56
CA LEU A 59 -15.89 -5.13 0.84
C LEU A 59 -15.85 -3.79 1.51
N LEU A 60 -15.81 -3.79 2.84
CA LEU A 60 -15.82 -2.54 3.55
C LEU A 60 -14.53 -1.75 3.37
N LYS A 61 -13.40 -2.43 3.21
CA LYS A 61 -12.20 -1.70 2.85
C LYS A 61 -12.29 -0.98 1.47
N GLU A 62 -13.22 -1.36 0.61
CA GLU A 62 -13.38 -0.67 -0.67
C GLU A 62 -14.49 0.38 -0.66
N LEU A 63 -15.17 0.55 0.45
CA LEU A 63 -16.25 1.50 0.48
C LEU A 63 -15.94 2.68 1.36
N ASN A 64 -15.29 3.68 0.85
CA ASN A 64 -15.07 4.83 1.65
C ASN A 64 -15.97 5.91 1.17
N HIS A 65 -16.90 6.28 2.02
CA HIS A 65 -17.98 7.16 1.66
C HIS A 65 -18.60 7.72 2.94
N PRO A 66 -18.95 8.99 2.92
CA PRO A 66 -19.39 9.64 4.15
C PRO A 66 -20.69 9.05 4.72
N ASN A 67 -21.43 8.30 3.92
CA ASN A 67 -22.61 7.64 4.40
C ASN A 67 -22.47 6.12 4.43
N ILE A 68 -21.24 5.64 4.43
CA ILE A 68 -21.03 4.27 4.80
C ILE A 68 -20.11 4.22 6.05
N VAL A 69 -20.49 3.41 7.04
CA VAL A 69 -19.72 3.37 8.29
C VAL A 69 -18.28 2.93 7.99
N LYS A 70 -17.35 3.72 8.44
CA LYS A 70 -15.96 3.48 8.07
C LYS A 70 -15.28 2.40 8.87
N LEU A 71 -14.70 1.44 8.19
CA LEU A 71 -13.78 0.45 8.84
C LEU A 71 -12.41 1.08 8.96
N LEU A 72 -12.01 1.37 10.19
CA LEU A 72 -10.77 2.07 10.50
C LEU A 72 -9.56 1.13 10.52
N ASP A 73 -9.77 -0.06 11.02
CA ASP A 73 -8.66 -0.97 11.21
C ASP A 73 -9.16 -2.38 11.50
N VAL A 74 -8.29 -3.35 11.25
CA VAL A 74 -8.53 -4.70 11.59
C VAL A 74 -7.32 -5.17 12.42
N ILE A 75 -7.54 -5.62 13.64
CA ILE A 75 -6.48 -6.18 14.50
C ILE A 75 -6.66 -7.71 14.60
N HIS A 76 -5.70 -8.39 14.02
CA HIS A 76 -5.92 -9.73 13.52
C HIS A 76 -4.86 -10.51 14.22
N THR A 77 -5.19 -10.99 15.43
CA THR A 77 -4.27 -11.76 16.26
C THR A 77 -4.43 -13.25 16.03
N GLU A 78 -3.44 -14.00 16.53
CA GLU A 78 -3.47 -15.46 16.51
C GLU A 78 -4.83 -15.95 16.99
N ASN A 79 -5.33 -15.30 18.03
CA ASN A 79 -6.49 -15.77 18.78
C ASN A 79 -7.81 -15.15 18.34
N LYS A 80 -7.81 -13.82 18.25
CA LYS A 80 -9.03 -13.07 17.93
C LYS A 80 -8.91 -12.16 16.71
N LEU A 81 -10.06 -11.66 16.32
CA LEU A 81 -10.12 -10.71 15.25
C LEU A 81 -10.93 -9.53 15.74
N TYR A 82 -10.33 -8.36 15.79
CA TYR A 82 -11.00 -7.12 16.12
C TYR A 82 -11.29 -6.20 14.92
N LEU A 83 -12.54 -5.88 14.69
CA LEU A 83 -12.86 -4.86 13.70
C LEU A 83 -13.08 -3.54 14.37
N VAL A 84 -12.33 -2.54 13.97
CA VAL A 84 -12.45 -1.20 14.51
C VAL A 84 -13.25 -0.30 13.56
N PHE A 85 -14.38 0.23 14.03
CA PHE A 85 -15.25 1.03 13.16
C PHE A 85 -15.35 2.40 13.74
N GLU A 86 -15.66 3.38 12.92
CA GLU A 86 -15.96 4.69 13.44
C GLU A 86 -17.22 4.57 14.33
N PHE A 87 -17.28 5.42 15.37
CA PHE A 87 -18.36 5.34 16.33
C PHE A 87 -19.54 6.21 15.91
N LEU A 88 -20.71 5.62 15.92
CA LEU A 88 -21.93 6.41 15.78
C LEU A 88 -22.92 6.15 16.91
N HIS A 89 -23.35 7.26 17.46
CA HIS A 89 -24.21 7.38 18.63
C HIS A 89 -25.38 6.39 18.65
N GLN A 90 -26.10 6.28 17.54
CA GLN A 90 -27.38 5.58 17.56
C GLN A 90 -27.74 4.95 16.21
N ASP A 91 -28.78 4.13 16.23
CA ASP A 91 -29.38 3.58 15.02
C ASP A 91 -30.80 4.14 14.78
N LEU A 92 -31.26 4.06 13.54
CA LEU A 92 -32.50 4.75 13.16
C LEU A 92 -33.73 4.24 13.92
N LYS A 93 -33.70 2.97 14.28
CA LYS A 93 -34.80 2.36 15.00
C LYS A 93 -34.93 2.94 16.43
N LYS A 94 -33.88 2.67 17.32
CA LYS A 94 -33.84 3.09 18.72
C LYS A 94 -34.11 4.59 18.78
N PHE A 95 -34.18 5.23 17.54
CA PHE A 95 -34.43 6.68 17.38
C PHE A 95 -35.90 6.99 17.05
N MET A 96 -36.59 6.15 16.27
CA MET A 96 -37.98 6.33 16.06
C MET A 96 -38.73 5.91 17.32
N ASP A 97 -38.13 5.01 18.10
CA ASP A 97 -38.74 4.63 19.36
C ASP A 97 -38.74 5.82 20.29
N ALA A 98 -37.80 6.73 20.08
CA ALA A 98 -37.66 7.90 20.94
C ALA A 98 -38.37 9.09 20.33
N SER A 99 -38.91 8.91 19.12
CA SER A 99 -39.65 9.96 18.41
C SER A 99 -41.14 9.64 18.21
N ALA A 100 -41.84 9.32 19.29
CA ALA A 100 -43.27 8.93 19.23
C ALA A 100 -44.17 10.15 19.17
N LEU A 101 -44.22 10.90 20.26
CA LEU A 101 -44.95 12.16 20.31
C LEU A 101 -44.56 12.94 19.06
N THR A 102 -43.33 13.46 19.08
CA THR A 102 -42.80 14.11 17.89
C THR A 102 -42.39 12.99 16.97
N GLY A 103 -43.18 12.74 15.93
CA GLY A 103 -42.73 11.89 14.86
C GLY A 103 -41.39 12.41 14.37
N ILE A 104 -41.04 12.12 13.12
CA ILE A 104 -39.78 12.61 12.56
C ILE A 104 -40.09 13.75 11.61
N PRO A 105 -39.56 14.93 11.85
CA PRO A 105 -39.78 16.06 10.93
C PRO A 105 -39.42 15.74 9.47
N LEU A 106 -40.33 16.08 8.59
CA LEU A 106 -40.20 15.71 7.20
C LEU A 106 -38.80 16.02 6.72
N PRO A 107 -38.30 17.21 7.06
CA PRO A 107 -36.96 17.66 6.66
C PRO A 107 -35.90 16.67 7.05
N LEU A 108 -36.02 16.11 8.25
CA LEU A 108 -35.07 15.17 8.74
C LEU A 108 -35.22 13.87 7.97
N ILE A 109 -36.45 13.50 7.65
CA ILE A 109 -36.71 12.31 6.86
C ILE A 109 -36.04 12.44 5.49
N LYS A 110 -36.32 13.54 4.84
CA LYS A 110 -35.75 13.88 3.56
C LYS A 110 -34.19 13.88 3.57
N SER A 111 -33.58 14.53 4.57
CA SER A 111 -32.12 14.47 4.75
C SER A 111 -31.60 13.05 4.93
N TYR A 112 -32.37 12.19 5.57
CA TYR A 112 -31.87 10.87 5.86
C TYR A 112 -31.93 10.03 4.61
N LEU A 113 -33.04 10.18 3.89
CA LEU A 113 -33.26 9.30 2.77
C LEU A 113 -32.22 9.65 1.72
N PHE A 114 -31.97 10.95 1.60
CA PHE A 114 -31.09 11.47 0.61
C PHE A 114 -29.67 10.95 0.91
N GLN A 115 -29.24 10.98 2.18
CA GLN A 115 -27.94 10.45 2.57
C GLN A 115 -27.89 8.96 2.37
N LEU A 116 -29.00 8.27 2.64
CA LEU A 116 -29.05 6.83 2.50
C LEU A 116 -28.87 6.48 1.04
N LEU A 117 -29.60 7.17 0.18
CA LEU A 117 -29.50 6.93 -1.25
C LEU A 117 -28.07 7.19 -1.80
N GLN A 118 -27.42 8.25 -1.34
CA GLN A 118 -26.02 8.45 -1.71
C GLN A 118 -25.12 7.26 -1.30
N GLY A 119 -25.32 6.73 -0.11
CA GLY A 119 -24.49 5.65 0.39
C GLY A 119 -24.72 4.43 -0.44
N LEU A 120 -25.99 4.19 -0.77
CA LEU A 120 -26.38 3.00 -1.49
C LEU A 120 -25.93 3.05 -2.97
N ALA A 121 -25.95 4.23 -3.57
CA ALA A 121 -25.49 4.34 -4.97
C ALA A 121 -23.98 4.10 -5.05
N PHE A 122 -23.25 4.54 -4.03
CA PHE A 122 -21.85 4.22 -3.97
C PHE A 122 -21.67 2.70 -3.90
N CYS A 123 -22.40 2.01 -3.02
CA CYS A 123 -22.22 0.57 -2.92
C CYS A 123 -22.46 -0.05 -4.28
N HIS A 124 -23.58 0.31 -4.91
CA HIS A 124 -23.97 -0.35 -6.16
C HIS A 124 -22.92 -0.03 -7.25
N SER A 125 -22.39 1.17 -7.18
CA SER A 125 -21.37 1.62 -8.12
C SER A 125 -20.06 0.88 -7.94
N HIS A 126 -19.88 0.25 -6.80
CA HIS A 126 -18.70 -0.52 -6.55
C HIS A 126 -19.06 -2.00 -6.42
N ARG A 127 -20.06 -2.42 -7.20
CA ARG A 127 -20.56 -3.79 -7.23
C ARG A 127 -20.78 -4.53 -5.88
N VAL A 128 -21.37 -3.84 -4.92
CA VAL A 128 -21.72 -4.45 -3.67
C VAL A 128 -23.21 -4.34 -3.40
N LEU A 129 -23.82 -5.45 -3.04
CA LEU A 129 -25.20 -5.52 -2.59
C LEU A 129 -25.15 -5.61 -1.08
N HIS A 130 -25.96 -4.81 -0.42
CA HIS A 130 -26.00 -4.80 1.00
C HIS A 130 -26.79 -5.96 1.56
N ARG A 131 -28.06 -6.02 1.15
CA ARG A 131 -28.90 -7.16 1.35
C ARG A 131 -29.39 -7.29 2.78
N ASP A 132 -29.24 -6.27 3.59
CA ASP A 132 -29.90 -6.28 4.89
C ASP A 132 -30.19 -4.87 5.40
N LEU A 133 -30.73 -4.02 4.55
CA LEU A 133 -31.09 -2.69 4.97
C LEU A 133 -32.37 -2.66 5.79
N LYS A 134 -32.31 -2.10 6.98
CA LYS A 134 -33.43 -2.05 7.89
C LYS A 134 -32.92 -1.12 8.93
N PRO A 135 -33.80 -0.50 9.70
CA PRO A 135 -33.45 0.64 10.55
C PRO A 135 -32.41 0.44 11.63
N GLN A 136 -32.27 -0.77 12.13
CA GLN A 136 -31.24 -1.05 13.12
C GLN A 136 -29.83 -1.07 12.49
N ASN A 137 -29.75 -1.09 11.17
CA ASN A 137 -28.48 -1.17 10.46
C ASN A 137 -28.11 0.17 9.83
N LEU A 138 -28.79 1.22 10.26
CA LEU A 138 -28.54 2.55 9.78
C LEU A 138 -28.16 3.40 10.98
N LEU A 139 -26.95 3.92 11.02
CA LEU A 139 -26.47 4.55 12.24
C LEU A 139 -26.53 6.05 12.08
N ILE A 140 -26.70 6.72 13.19
CA ILE A 140 -26.77 8.15 13.17
C ILE A 140 -25.85 8.78 14.20
N ASN A 141 -25.30 9.90 13.84
CA ASN A 141 -24.43 10.56 14.78
C ASN A 141 -25.05 11.86 15.25
N THR A 142 -24.32 12.59 16.07
CA THR A 142 -24.91 13.77 16.68
C THR A 142 -24.99 14.93 15.72
N GLU A 143 -24.32 14.84 14.58
CA GLU A 143 -24.23 15.92 13.61
C GLU A 143 -25.25 15.77 12.44
N GLY A 144 -26.17 14.83 12.55
CA GLY A 144 -27.18 14.68 11.54
C GLY A 144 -26.85 13.77 10.36
N ALA A 145 -25.69 13.12 10.37
CA ALA A 145 -25.37 12.15 9.37
C ALA A 145 -26.09 10.84 9.66
N ILE A 146 -26.49 10.13 8.62
CA ILE A 146 -26.89 8.74 8.77
C ILE A 146 -26.06 7.90 7.82
N LYS A 147 -25.81 6.63 8.18
CA LYS A 147 -24.83 5.80 7.47
C LYS A 147 -25.19 4.32 7.39
N LEU A 148 -24.84 3.66 6.29
CA LEU A 148 -25.17 2.24 6.17
C LEU A 148 -24.18 1.46 7.03
N ALA A 149 -24.66 0.44 7.73
CA ALA A 149 -23.81 -0.35 8.60
C ALA A 149 -24.17 -1.79 8.52
N ASP A 150 -23.25 -2.60 9.06
CA ASP A 150 -23.39 -4.05 9.05
C ASP A 150 -23.39 -4.67 7.68
N PHE A 151 -22.22 -4.84 7.10
CA PHE A 151 -22.09 -5.43 5.79
C PHE A 151 -21.80 -6.91 5.80
N GLY A 152 -22.26 -7.60 6.84
CA GLY A 152 -21.97 -9.01 7.00
C GLY A 152 -22.87 -9.89 6.18
N LEU A 153 -23.90 -9.32 5.60
CA LEU A 153 -24.71 -10.09 4.68
C LEU A 153 -24.47 -9.66 3.23
N ALA A 154 -23.55 -8.73 3.04
CA ALA A 154 -23.30 -8.16 1.76
C ALA A 154 -22.61 -9.14 0.82
N ARG A 155 -22.61 -8.84 -0.47
CA ARG A 155 -21.77 -9.58 -1.38
C ARG A 155 -21.34 -8.79 -2.60
N ALA A 156 -20.15 -9.13 -3.12
CA ALA A 156 -19.71 -8.51 -4.33
C ALA A 156 -20.51 -9.09 -5.50
N PHE A 157 -21.21 -8.30 -6.28
CA PHE A 157 -21.95 -8.93 -7.41
C PHE A 157 -21.27 -8.82 -8.74
N GLY A 158 -21.74 -9.59 -9.70
CA GLY A 158 -21.21 -9.56 -11.04
C GLY A 158 -22.19 -8.98 -12.05
N VAL A 159 -21.64 -8.59 -13.18
CA VAL A 159 -22.38 -8.01 -14.28
C VAL A 159 -22.32 -8.92 -15.54
N PRO A 160 -23.42 -9.58 -15.88
CA PRO A 160 -24.68 -9.53 -15.12
C PRO A 160 -24.66 -10.45 -13.87
N VAL A 161 -25.63 -10.38 -12.97
CA VAL A 161 -25.59 -11.17 -11.76
C VAL A 161 -25.67 -12.66 -12.03
N ARG A 162 -25.08 -13.47 -11.16
CA ARG A 162 -25.49 -14.90 -11.14
C ARG A 162 -26.64 -15.02 -10.12
N THR A 163 -27.02 -16.27 -9.86
CA THR A 163 -27.93 -16.62 -8.76
C THR A 163 -27.15 -16.61 -7.47
N TYR A 164 -27.57 -15.81 -6.53
CA TYR A 164 -26.87 -15.75 -5.24
C TYR A 164 -27.71 -16.38 -4.12
N TPO A 165 -27.30 -16.20 -2.87
CA TPO A 165 -27.90 -16.87 -1.73
CB TPO A 165 -27.24 -16.38 -0.46
CG2 TPO A 165 -27.91 -16.92 0.80
OG1 TPO A 165 -25.87 -16.79 -0.50
P TPO A 165 -24.68 -15.69 -0.62
O1P TPO A 165 -24.76 -14.80 0.74
O2P TPO A 165 -23.29 -16.57 -0.93
O3P TPO A 165 -25.42 -15.04 -1.98
C TPO A 165 -29.43 -16.70 -1.72
O TPO A 165 -29.86 -15.34 -1.79
N HIS A 166 -30.51 -17.54 -1.69
CA HIS A 166 -31.93 -17.13 -1.67
C HIS A 166 -32.37 -16.64 -0.31
N GLU A 167 -31.74 -17.13 0.71
CA GLU A 167 -32.25 -16.81 2.03
C GLU A 167 -31.72 -15.45 2.46
N VAL A 168 -32.33 -14.35 1.93
CA VAL A 168 -31.76 -13.00 2.12
C VAL A 168 -32.73 -11.84 2.37
N VAL A 169 -32.29 -10.94 3.26
CA VAL A 169 -33.03 -9.75 3.66
C VAL A 169 -34.03 -10.11 4.76
N THR A 170 -33.99 -9.36 5.86
CA THR A 170 -34.96 -9.50 6.92
C THR A 170 -36.36 -9.34 6.29
N LEU A 171 -37.15 -10.38 6.55
CA LEU A 171 -38.45 -10.54 5.96
C LEU A 171 -39.22 -9.25 5.63
N TRP A 172 -39.39 -8.37 6.59
CA TRP A 172 -40.25 -7.20 6.40
C TRP A 172 -39.79 -6.26 5.28
N TYR A 173 -38.52 -6.43 4.85
CA TYR A 173 -37.84 -5.46 4.00
C TYR A 173 -37.41 -6.21 2.77
N ARG A 174 -37.79 -7.47 2.71
CA ARG A 174 -37.45 -8.33 1.60
C ARG A 174 -38.32 -8.06 0.37
N ALA A 175 -37.66 -8.06 -0.80
CA ALA A 175 -38.25 -7.70 -2.11
C ALA A 175 -39.05 -8.85 -2.74
N PRO A 176 -40.07 -8.52 -3.53
CA PRO A 176 -40.96 -9.54 -4.08
C PRO A 176 -40.25 -10.54 -4.93
N GLU A 177 -39.24 -10.09 -5.65
CA GLU A 177 -38.58 -11.00 -6.52
C GLU A 177 -37.83 -12.10 -5.71
N ILE A 178 -37.51 -11.80 -4.44
CA ILE A 178 -36.81 -12.80 -3.62
C ILE A 178 -37.87 -13.73 -3.04
N LEU A 179 -38.97 -13.13 -2.56
CA LEU A 179 -40.11 -13.88 -2.10
C LEU A 179 -40.63 -14.84 -3.17
N LEU A 180 -40.62 -14.42 -4.42
CA LEU A 180 -41.10 -15.30 -5.47
C LEU A 180 -40.05 -16.22 -6.06
N GLY A 181 -38.88 -16.26 -5.43
CA GLY A 181 -37.85 -17.25 -5.75
C GLY A 181 -37.18 -17.06 -7.10
N CYS A 182 -37.15 -15.83 -7.58
CA CYS A 182 -36.47 -15.54 -8.84
C CYS A 182 -35.01 -16.03 -8.93
N LYS A 183 -34.65 -16.46 -10.13
CA LYS A 183 -33.34 -17.02 -10.39
C LYS A 183 -32.29 -15.94 -10.10
N TYR A 184 -32.61 -14.71 -10.48
CA TYR A 184 -31.66 -13.64 -10.38
C TYR A 184 -32.30 -12.50 -9.65
N TYR A 185 -31.51 -11.87 -8.78
CA TYR A 185 -31.85 -10.61 -8.16
C TYR A 185 -30.58 -9.74 -8.08
N SER A 186 -30.78 -8.42 -7.96
CA SER A 186 -29.70 -7.47 -7.98
C SER A 186 -29.93 -6.27 -7.11
N THR A 187 -29.43 -5.13 -7.57
CA THR A 187 -29.42 -3.91 -6.77
C THR A 187 -30.81 -3.46 -6.31
N ALA A 188 -31.80 -3.76 -7.13
CA ALA A 188 -33.20 -3.41 -6.81
C ALA A 188 -33.68 -3.90 -5.42
N VAL A 189 -33.12 -4.99 -4.92
CA VAL A 189 -33.54 -5.48 -3.64
C VAL A 189 -33.14 -4.54 -2.56
N ASP A 190 -32.01 -3.89 -2.69
CA ASP A 190 -31.70 -2.84 -1.71
C ASP A 190 -32.66 -1.64 -1.83
N ILE A 191 -32.96 -1.20 -3.03
CA ILE A 191 -33.95 -0.12 -3.19
C ILE A 191 -35.30 -0.47 -2.54
N TRP A 192 -35.79 -1.70 -2.75
CA TRP A 192 -37.04 -2.14 -2.10
C TRP A 192 -36.99 -1.88 -0.59
N SER A 193 -35.88 -2.28 0.03
CA SER A 193 -35.69 -2.12 1.47
C SER A 193 -35.72 -0.66 1.89
N LEU A 194 -35.01 0.20 1.16
CA LEU A 194 -35.00 1.61 1.50
C LEU A 194 -36.41 2.20 1.43
N GLY A 195 -37.16 1.77 0.43
CA GLY A 195 -38.50 2.27 0.22
C GLY A 195 -39.40 1.86 1.38
N CYS A 196 -39.31 0.60 1.79
CA CYS A 196 -39.89 0.19 3.05
C CYS A 196 -39.46 1.08 4.22
N ILE A 197 -38.17 1.44 4.30
CA ILE A 197 -37.71 2.25 5.40
C ILE A 197 -38.22 3.68 5.30
N PHE A 198 -38.33 4.15 4.05
CA PHE A 198 -38.83 5.51 3.78
C PHE A 198 -40.21 5.57 4.40
N ALA A 199 -41.03 4.58 4.09
CA ALA A 199 -42.43 4.63 4.48
C ALA A 199 -42.52 4.51 6.00
N GLU A 200 -41.55 3.78 6.54
CA GLU A 200 -41.44 3.55 7.98
C GLU A 200 -41.12 4.79 8.74
N MET A 201 -40.12 5.54 8.30
CA MET A 201 -39.78 6.78 8.97
C MET A 201 -41.02 7.70 8.97
N VAL A 202 -41.95 7.50 8.05
CA VAL A 202 -43.05 8.44 7.92
C VAL A 202 -44.17 8.07 8.89
N THR A 203 -44.79 6.91 8.63
CA THR A 203 -45.86 6.36 9.46
C THR A 203 -45.34 5.94 10.82
N ARG A 204 -44.04 5.70 10.89
CA ARG A 204 -43.42 5.25 12.12
C ARG A 204 -43.79 3.78 12.40
N ARG A 205 -44.29 3.08 11.40
CA ARG A 205 -44.44 1.66 11.59
C ARG A 205 -44.11 0.91 10.34
N ALA A 206 -43.64 -0.30 10.51
CA ALA A 206 -43.28 -1.13 9.40
C ALA A 206 -44.39 -1.11 8.40
N LEU A 207 -44.02 -1.12 7.11
CA LEU A 207 -44.97 -1.08 6.05
C LEU A 207 -45.54 -2.48 5.82
N PHE A 208 -44.72 -3.50 5.81
CA PHE A 208 -45.16 -4.83 5.52
C PHE A 208 -44.63 -5.79 6.61
N PRO A 209 -45.25 -5.76 7.78
CA PRO A 209 -44.83 -6.65 8.88
C PRO A 209 -45.32 -8.09 8.82
N GLY A 210 -44.81 -8.89 7.89
CA GLY A 210 -45.31 -10.22 7.68
C GLY A 210 -44.59 -11.16 8.62
N ASP A 211 -45.20 -12.33 8.87
CA ASP A 211 -44.64 -13.32 9.81
C ASP A 211 -44.16 -14.54 9.05
N SER A 212 -44.50 -14.63 7.78
CA SER A 212 -43.95 -15.71 6.97
C SER A 212 -43.72 -15.18 5.57
N GLU A 213 -43.21 -16.03 4.69
CA GLU A 213 -43.03 -15.59 3.34
C GLU A 213 -44.37 -15.24 2.70
N ILE A 214 -45.35 -16.14 2.77
CA ILE A 214 -46.60 -15.95 2.07
C ILE A 214 -47.42 -14.83 2.69
N ASP A 215 -47.34 -14.69 4.00
CA ASP A 215 -47.94 -13.55 4.63
C ASP A 215 -47.35 -12.21 4.15
N GLN A 216 -46.02 -12.17 4.07
CA GLN A 216 -45.28 -11.02 3.53
C GLN A 216 -45.72 -10.69 2.09
N LEU A 217 -45.73 -11.69 1.20
CA LEU A 217 -46.25 -11.51 -0.15
C LEU A 217 -47.65 -10.92 -0.14
N PHE A 218 -48.56 -11.58 0.58
CA PHE A 218 -49.96 -11.17 0.66
C PHE A 218 -50.11 -9.75 1.20
N ARG A 219 -49.29 -9.32 2.14
CA ARG A 219 -49.38 -7.94 2.60
C ARG A 219 -48.96 -6.90 1.52
N ILE A 220 -47.94 -7.28 0.77
CA ILE A 220 -47.46 -6.49 -0.28
C ILE A 220 -48.56 -6.41 -1.34
N PHE A 221 -49.13 -7.56 -1.71
CA PHE A 221 -50.21 -7.54 -2.70
C PHE A 221 -51.41 -6.68 -2.32
N ARG A 222 -51.81 -6.71 -1.07
CA ARG A 222 -52.96 -5.94 -0.62
C ARG A 222 -52.64 -4.46 -0.60
N THR A 223 -51.38 -4.10 -0.60
CA THR A 223 -51.04 -2.68 -0.65
C THR A 223 -50.82 -2.20 -2.07
N LEU A 224 -50.14 -2.99 -2.90
CA LEU A 224 -49.65 -2.51 -4.18
C LEU A 224 -50.40 -3.11 -5.36
N GLY A 225 -51.26 -4.08 -5.07
CA GLY A 225 -51.97 -4.85 -6.03
C GLY A 225 -51.31 -6.17 -6.24
N THR A 226 -52.10 -7.19 -6.51
CA THR A 226 -51.51 -8.41 -6.97
C THR A 226 -50.97 -8.23 -8.38
N PRO A 227 -49.68 -8.45 -8.55
CA PRO A 227 -49.04 -8.22 -9.87
C PRO A 227 -49.44 -9.22 -10.91
N ASP A 228 -49.52 -8.76 -12.16
CA ASP A 228 -49.90 -9.60 -13.31
C ASP A 228 -48.89 -9.39 -14.42
N GLU A 229 -49.11 -10.04 -15.57
CA GLU A 229 -48.14 -9.99 -16.63
C GLU A 229 -48.07 -8.56 -17.12
N VAL A 230 -49.12 -7.79 -16.84
CA VAL A 230 -49.17 -6.42 -17.29
C VAL A 230 -48.21 -5.52 -16.50
N VAL A 231 -48.31 -5.57 -15.19
CA VAL A 231 -47.49 -4.71 -14.37
C VAL A 231 -46.08 -5.27 -14.27
N TRP A 232 -45.93 -6.59 -14.43
CA TRP A 232 -44.65 -7.25 -14.17
C TRP A 232 -44.48 -8.44 -15.06
N PRO A 233 -43.95 -8.24 -16.27
CA PRO A 233 -43.88 -9.32 -17.24
C PRO A 233 -42.94 -10.45 -16.77
N GLY A 234 -43.41 -11.69 -16.86
CA GLY A 234 -42.74 -12.82 -16.25
C GLY A 234 -43.30 -13.30 -14.90
N VAL A 235 -43.99 -12.45 -14.14
CA VAL A 235 -44.42 -12.83 -12.78
C VAL A 235 -44.98 -14.24 -12.70
N THR A 236 -45.86 -14.58 -13.62
CA THR A 236 -46.68 -15.78 -13.49
C THR A 236 -45.89 -16.98 -13.81
N SER A 237 -44.67 -16.76 -14.24
CA SER A 237 -43.79 -17.88 -14.52
C SER A 237 -42.75 -18.03 -13.44
N MET A 238 -42.76 -17.17 -12.43
CA MET A 238 -41.72 -17.26 -11.41
C MET A 238 -41.92 -18.48 -10.50
N PRO A 239 -40.82 -19.01 -9.96
CA PRO A 239 -40.84 -20.27 -9.21
C PRO A 239 -41.87 -20.39 -8.11
N ASP A 240 -42.06 -19.35 -7.33
CA ASP A 240 -43.03 -19.42 -6.25
C ASP A 240 -44.32 -18.59 -6.45
N TYR A 241 -44.60 -18.25 -7.70
CA TYR A 241 -45.90 -17.67 -8.04
C TYR A 241 -46.95 -18.76 -8.11
N LYS A 242 -48.11 -18.51 -7.52
CA LYS A 242 -49.18 -19.48 -7.53
C LYS A 242 -50.40 -18.82 -8.13
N PRO A 243 -51.02 -19.46 -9.10
CA PRO A 243 -52.20 -18.90 -9.77
C PRO A 243 -53.40 -18.77 -8.83
N SER A 244 -53.29 -19.45 -7.70
CA SER A 244 -54.27 -19.34 -6.64
C SER A 244 -54.17 -18.02 -5.85
N PHE A 245 -53.06 -17.29 -5.95
CA PHE A 245 -52.90 -16.05 -5.20
C PHE A 245 -54.15 -15.21 -5.40
N PRO A 246 -54.73 -14.76 -4.32
CA PRO A 246 -55.78 -13.73 -4.40
C PRO A 246 -55.35 -12.53 -5.27
N LYS A 247 -56.31 -11.95 -6.02
CA LYS A 247 -56.07 -10.75 -6.81
C LYS A 247 -56.63 -9.50 -6.15
N TRP A 248 -55.76 -8.80 -5.44
CA TRP A 248 -56.15 -7.61 -4.76
C TRP A 248 -55.90 -6.39 -5.64
N ALA A 249 -56.79 -5.43 -5.55
CA ALA A 249 -56.67 -4.25 -6.36
C ALA A 249 -55.61 -3.31 -5.74
N ARG A 250 -54.87 -2.61 -6.57
CA ARG A 250 -53.92 -1.65 -6.06
C ARG A 250 -54.62 -0.46 -5.43
N GLN A 251 -54.18 -0.09 -4.24
CA GLN A 251 -54.63 1.07 -3.52
C GLN A 251 -54.01 2.35 -4.09
N ASP A 252 -54.71 3.45 -3.90
CA ASP A 252 -54.08 4.76 -4.03
C ASP A 252 -52.94 4.94 -3.02
N PHE A 253 -51.81 5.40 -3.55
CA PHE A 253 -50.66 5.67 -2.72
C PHE A 253 -50.86 6.70 -1.67
N SER A 254 -51.75 7.64 -1.91
CA SER A 254 -52.09 8.56 -0.86
C SER A 254 -52.60 7.87 0.36
N LYS A 255 -53.12 6.67 0.18
CA LYS A 255 -53.59 5.93 1.32
C LYS A 255 -52.50 5.07 1.96
N VAL A 256 -51.44 4.73 1.22
CA VAL A 256 -50.41 3.94 1.82
C VAL A 256 -49.64 4.71 2.90
N VAL A 257 -49.37 5.99 2.67
CA VAL A 257 -48.59 6.82 3.57
C VAL A 257 -49.19 8.24 3.52
N PRO A 258 -50.34 8.39 4.17
CA PRO A 258 -51.17 9.59 4.04
C PRO A 258 -50.45 10.89 4.24
N PRO A 259 -49.45 10.96 5.12
CA PRO A 259 -48.78 12.23 5.39
C PRO A 259 -47.91 12.67 4.22
N LEU A 260 -47.59 11.75 3.33
CA LEU A 260 -46.73 12.10 2.21
C LEU A 260 -47.40 13.02 1.18
N ASP A 261 -46.57 13.90 0.64
CA ASP A 261 -46.92 14.83 -0.40
C ASP A 261 -46.81 14.16 -1.80
N GLU A 262 -47.19 14.90 -2.82
CA GLU A 262 -47.11 14.40 -4.18
C GLU A 262 -45.70 13.90 -4.54
N ASP A 263 -44.66 14.66 -4.22
CA ASP A 263 -43.29 14.25 -4.54
C ASP A 263 -42.86 13.01 -3.77
N GLY A 264 -43.07 13.02 -2.46
CA GLY A 264 -42.86 11.83 -1.65
C GLY A 264 -43.55 10.61 -2.22
N ARG A 265 -44.82 10.76 -2.58
CA ARG A 265 -45.57 9.62 -3.02
C ARG A 265 -44.91 9.15 -4.29
N SER A 266 -44.63 10.10 -5.17
CA SER A 266 -43.98 9.79 -6.42
C SER A 266 -42.69 8.92 -6.20
N LEU A 267 -41.78 9.40 -5.36
CA LEU A 267 -40.54 8.69 -5.14
C LEU A 267 -40.81 7.30 -4.53
N LEU A 268 -41.69 7.21 -3.56
CA LEU A 268 -41.97 5.93 -2.94
C LEU A 268 -42.48 4.93 -3.92
N SER A 269 -43.41 5.35 -4.79
CA SER A 269 -43.94 4.41 -5.79
C SER A 269 -42.86 3.93 -6.72
N GLN A 270 -41.87 4.75 -6.98
CA GLN A 270 -40.80 4.29 -7.85
C GLN A 270 -39.84 3.30 -7.17
N MET A 271 -39.65 3.47 -5.85
CA MET A 271 -38.88 2.52 -5.04
C MET A 271 -39.55 1.15 -4.82
N LEU A 272 -40.89 1.15 -4.87
CA LEU A 272 -41.69 -0.05 -4.59
C LEU A 272 -42.33 -0.61 -5.86
N HIS A 273 -41.80 -0.22 -7.00
CA HIS A 273 -42.22 -0.78 -8.25
C HIS A 273 -41.94 -2.24 -8.22
N TYR A 274 -42.88 -3.03 -8.73
CA TYR A 274 -42.71 -4.48 -8.83
C TYR A 274 -41.55 -4.98 -9.71
N ASP A 275 -41.57 -4.58 -10.98
CA ASP A 275 -40.60 -5.11 -11.95
C ASP A 275 -39.21 -4.52 -11.59
N PRO A 276 -38.28 -5.35 -11.15
CA PRO A 276 -36.99 -4.83 -10.67
C PRO A 276 -36.29 -4.00 -11.74
N ASN A 277 -36.38 -4.44 -12.98
CA ASN A 277 -35.77 -3.74 -14.07
C ASN A 277 -36.30 -2.31 -14.18
N LYS A 278 -37.51 -2.04 -13.69
CA LYS A 278 -38.04 -0.68 -13.68
C LYS A 278 -38.03 0.08 -12.37
N ARG A 279 -37.80 -0.61 -11.24
CA ARG A 279 -37.73 0.07 -9.96
C ARG A 279 -36.60 1.12 -10.05
N ILE A 280 -36.78 2.28 -9.44
CA ILE A 280 -35.73 3.29 -9.54
C ILE A 280 -34.43 2.82 -8.89
N SER A 281 -33.29 3.13 -9.53
CA SER A 281 -31.95 3.06 -8.92
C SER A 281 -31.67 4.17 -7.90
N ALA A 282 -30.77 3.91 -6.96
CA ALA A 282 -30.42 4.97 -6.03
C ALA A 282 -29.90 6.24 -6.72
N LYS A 283 -29.03 6.04 -7.68
CA LYS A 283 -28.45 7.13 -8.44
C LYS A 283 -29.56 8.05 -9.00
N ALA A 284 -30.54 7.45 -9.69
CA ALA A 284 -31.62 8.22 -10.28
C ALA A 284 -32.51 8.84 -9.22
N ALA A 285 -32.59 8.20 -8.06
CA ALA A 285 -33.39 8.77 -7.03
C ALA A 285 -32.82 10.02 -6.43
N LEU A 286 -31.48 10.18 -6.48
CA LEU A 286 -30.89 11.42 -5.97
C LEU A 286 -31.44 12.68 -6.62
N ALA A 287 -31.87 12.57 -7.87
CA ALA A 287 -32.33 13.74 -8.63
C ALA A 287 -33.85 14.00 -8.54
N HIS A 288 -34.60 13.13 -7.86
CA HIS A 288 -36.04 13.28 -7.65
C HIS A 288 -36.41 14.62 -7.05
N PRO A 289 -37.52 15.19 -7.45
CA PRO A 289 -37.90 16.51 -6.96
C PRO A 289 -38.27 16.44 -5.50
N PHE A 290 -38.59 15.26 -4.97
CA PHE A 290 -38.76 15.16 -3.50
C PHE A 290 -37.60 15.80 -2.76
N PHE A 291 -36.40 15.78 -3.34
CA PHE A 291 -35.21 16.30 -2.61
C PHE A 291 -34.83 17.74 -2.91
N GLN A 292 -35.64 18.38 -3.74
CA GLN A 292 -35.35 19.73 -4.17
C GLN A 292 -34.99 20.66 -3.02
N ASP A 293 -35.59 20.51 -1.87
CA ASP A 293 -35.31 21.46 -0.81
C ASP A 293 -34.39 20.91 0.30
N VAL A 294 -33.71 19.82 -0.02
CA VAL A 294 -33.09 19.01 1.01
C VAL A 294 -31.91 19.69 1.70
N THR A 295 -31.78 19.28 2.96
CA THR A 295 -30.71 19.70 3.86
C THR A 295 -30.36 18.57 4.82
N LYS A 296 -29.34 18.80 5.64
CA LYS A 296 -28.90 17.81 6.62
C LYS A 296 -29.12 18.31 8.04
N PRO A 297 -30.38 18.33 8.46
CA PRO A 297 -30.72 18.70 9.83
C PRO A 297 -30.12 17.74 10.85
N VAL A 298 -29.66 18.30 11.95
CA VAL A 298 -29.17 17.53 13.06
C VAL A 298 -30.40 16.99 13.75
N PRO A 299 -30.32 15.79 14.31
CA PRO A 299 -31.53 15.20 14.90
C PRO A 299 -32.03 16.12 16.01
N HIS A 300 -33.34 16.37 16.01
CA HIS A 300 -33.94 17.22 17.02
C HIS A 300 -33.78 16.48 18.33
N LEU A 301 -32.96 15.43 18.27
CA LEU A 301 -32.68 14.54 19.39
C LEU A 301 -33.62 13.34 19.36
N ARG A 302 -33.35 12.32 19.99
N VAL B 2 -28.12 -4.42 -15.72
CA VAL B 2 -28.61 -3.14 -15.15
C VAL B 2 -27.69 -1.99 -15.51
N PRO B 3 -27.89 -1.48 -16.73
CA PRO B 3 -26.97 -0.48 -17.30
C PRO B 3 -26.90 0.77 -16.46
N ASP B 4 -27.69 0.88 -15.40
CA ASP B 4 -27.52 2.06 -14.57
C ASP B 4 -26.13 2.15 -13.93
N TYR B 5 -25.55 1.00 -13.59
CA TYR B 5 -24.25 0.94 -12.90
C TYR B 5 -23.17 0.23 -13.69
N HIS B 6 -23.53 -0.39 -14.81
CA HIS B 6 -22.63 -1.15 -15.64
C HIS B 6 -21.34 -0.38 -15.99
N GLU B 7 -21.46 0.88 -16.39
CA GLU B 7 -20.28 1.69 -16.69
C GLU B 7 -19.48 2.08 -15.44
N ASP B 8 -20.14 2.45 -14.34
CA ASP B 8 -19.46 2.72 -13.05
C ASP B 8 -18.69 1.45 -12.60
N ILE B 9 -19.34 0.31 -12.67
CA ILE B 9 -18.69 -0.91 -12.26
C ILE B 9 -17.45 -1.22 -13.12
N HIS B 10 -17.60 -1.13 -14.45
CA HIS B 10 -16.50 -1.48 -15.34
C HIS B 10 -15.28 -0.52 -15.09
N THR B 11 -15.57 0.74 -14.89
CA THR B 11 -14.54 1.71 -14.57
C THR B 11 -13.84 1.41 -13.23
N TYR B 12 -14.62 1.03 -12.24
CA TYR B 12 -14.02 0.68 -10.97
C TYR B 12 -13.14 -0.61 -11.07
N LEU B 13 -13.55 -1.59 -11.85
CA LEU B 13 -12.82 -2.79 -11.91
C LEU B 13 -11.51 -2.58 -12.67
N ARG B 14 -11.54 -1.64 -13.61
CA ARG B 14 -10.35 -1.25 -14.37
C ARG B 14 -9.33 -0.60 -13.44
N GLU B 15 -9.81 0.16 -12.48
CA GLU B 15 -8.94 0.69 -11.46
C GLU B 15 -8.38 -0.42 -10.59
N MET B 16 -9.24 -1.32 -10.14
CA MET B 16 -8.80 -2.28 -9.16
C MET B 16 -7.90 -3.34 -9.76
N GLU B 17 -8.05 -3.69 -11.04
CA GLU B 17 -7.19 -4.74 -11.60
C GLU B 17 -5.72 -4.34 -11.61
N VAL B 18 -5.47 -3.04 -11.74
CA VAL B 18 -4.13 -2.52 -11.67
C VAL B 18 -3.57 -2.55 -10.23
N LYS B 19 -4.42 -2.27 -9.23
CA LYS B 19 -3.98 -2.41 -7.84
C LYS B 19 -3.85 -3.84 -7.36
N CYS B 20 -4.62 -4.76 -7.89
CA CYS B 20 -4.59 -6.14 -7.39
C CYS B 20 -3.63 -7.02 -8.20
N LYS B 21 -2.93 -6.42 -9.14
CA LYS B 21 -2.11 -7.18 -10.04
C LYS B 21 -0.86 -7.71 -9.31
N PRO B 22 -0.51 -8.97 -9.53
CA PRO B 22 0.69 -9.54 -8.93
C PRO B 22 1.95 -8.94 -9.55
N LYS B 23 3.09 -9.23 -8.96
CA LYS B 23 4.38 -8.90 -9.58
C LYS B 23 4.73 -9.85 -10.72
N VAL B 24 4.91 -9.30 -11.91
CA VAL B 24 5.16 -10.11 -13.10
C VAL B 24 6.33 -11.08 -12.98
N GLY B 25 7.41 -10.63 -12.36
CA GLY B 25 8.60 -11.46 -12.31
C GLY B 25 8.86 -12.17 -11.00
N TYR B 26 7.81 -12.51 -10.28
CA TYR B 26 8.04 -13.14 -8.99
C TYR B 26 8.61 -14.55 -9.07
N MET B 27 8.34 -15.28 -10.14
CA MET B 27 8.82 -16.65 -10.21
C MET B 27 10.35 -16.73 -10.15
N LYS B 28 10.98 -15.74 -10.72
CA LYS B 28 12.44 -15.65 -10.76
C LYS B 28 13.01 -15.56 -9.37
N LYS B 29 12.25 -14.94 -8.47
CA LYS B 29 12.76 -14.65 -7.14
C LYS B 29 12.36 -15.78 -6.26
N GLN B 30 11.59 -16.72 -6.81
CA GLN B 30 11.20 -17.91 -6.06
C GLN B 30 12.28 -18.98 -6.19
N PRO B 31 12.98 -19.23 -5.10
CA PRO B 31 14.13 -20.14 -5.15
C PRO B 31 13.76 -21.61 -5.43
N ASP B 32 12.64 -22.07 -4.89
CA ASP B 32 12.32 -23.50 -4.90
C ASP B 32 11.11 -23.93 -5.74
N ILE B 33 10.44 -22.97 -6.39
CA ILE B 33 9.32 -23.30 -7.27
C ILE B 33 9.42 -22.64 -8.62
N THR B 34 8.67 -23.18 -9.56
CA THR B 34 8.72 -22.75 -10.98
C THR B 34 7.34 -22.60 -11.59
N ASN B 35 7.31 -22.20 -12.85
CA ASN B 35 6.07 -22.01 -13.55
C ASN B 35 5.37 -23.33 -13.76
N SER B 36 6.18 -24.36 -13.95
CA SER B 36 5.64 -25.69 -14.13
C SER B 36 4.92 -26.19 -12.92
N MET B 37 5.55 -26.06 -11.76
CA MET B 37 4.89 -26.45 -10.53
C MET B 37 3.66 -25.59 -10.33
N ARG B 38 3.76 -24.31 -10.70
CA ARG B 38 2.61 -23.45 -10.51
C ARG B 38 1.51 -24.04 -11.40
N ALA B 39 1.93 -24.59 -12.52
CA ALA B 39 1.02 -25.07 -13.55
C ALA B 39 0.32 -26.29 -13.06
N ILE B 40 1.04 -27.13 -12.35
CA ILE B 40 0.46 -28.31 -11.72
C ILE B 40 -0.56 -27.97 -10.68
N LEU B 41 -0.26 -26.96 -9.87
CA LEU B 41 -1.16 -26.58 -8.80
C LEU B 41 -2.48 -26.05 -9.38
N VAL B 42 -2.37 -25.11 -10.32
CA VAL B 42 -3.57 -24.50 -10.84
C VAL B 42 -4.42 -25.56 -11.57
N ASP B 43 -3.75 -26.51 -12.21
CA ASP B 43 -4.46 -27.58 -12.87
C ASP B 43 -5.21 -28.45 -11.86
N TRP B 44 -4.60 -28.66 -10.71
CA TRP B 44 -5.24 -29.36 -9.61
C TRP B 44 -6.44 -28.57 -9.06
N LEU B 45 -6.26 -27.27 -8.82
CA LEU B 45 -7.37 -26.44 -8.39
C LEU B 45 -8.55 -26.52 -9.37
N VAL B 46 -8.30 -26.59 -10.67
CA VAL B 46 -9.40 -26.85 -11.61
C VAL B 46 -10.18 -28.14 -11.30
N GLU B 47 -9.43 -29.20 -10.97
CA GLU B 47 -10.00 -30.49 -10.59
C GLU B 47 -10.81 -30.33 -9.33
N VAL B 48 -10.22 -29.77 -8.31
CA VAL B 48 -10.96 -29.55 -7.08
C VAL B 48 -12.26 -28.84 -7.38
N GLY B 49 -12.19 -27.83 -8.23
CA GLY B 49 -13.35 -27.02 -8.55
C GLY B 49 -14.43 -27.84 -9.23
N GLU B 50 -14.01 -28.80 -10.03
CA GLU B 50 -14.92 -29.81 -10.60
C GLU B 50 -15.44 -30.83 -9.59
N GLU B 51 -14.57 -31.42 -8.81
CA GLU B 51 -15.05 -32.33 -7.76
C GLU B 51 -16.18 -31.67 -6.94
N TYR B 52 -16.02 -30.41 -6.60
CA TYR B 52 -16.97 -29.78 -5.71
C TYR B 52 -17.92 -28.81 -6.42
N LYS B 53 -17.91 -28.80 -7.73
CA LYS B 53 -18.86 -28.00 -8.47
C LYS B 53 -18.82 -26.54 -8.03
N LEU B 54 -17.61 -25.99 -7.95
CA LEU B 54 -17.47 -24.60 -7.55
C LEU B 54 -17.60 -23.74 -8.82
N GLN B 55 -17.97 -22.50 -8.61
CA GLN B 55 -18.02 -21.53 -9.68
C GLN B 55 -16.64 -21.31 -10.29
N ASN B 56 -16.62 -21.00 -11.59
CA ASN B 56 -15.40 -20.65 -12.27
C ASN B 56 -14.74 -19.37 -11.63
N GLU B 57 -15.57 -18.51 -11.12
CA GLU B 57 -15.13 -17.29 -10.50
C GLU B 57 -14.29 -17.63 -9.26
N THR B 58 -14.67 -18.68 -8.57
CA THR B 58 -13.95 -19.12 -7.42
C THR B 58 -12.53 -19.58 -7.75
N LEU B 59 -12.38 -20.22 -8.90
CA LEU B 59 -11.09 -20.65 -9.38
C LEU B 59 -10.24 -19.46 -9.69
N HIS B 60 -10.82 -18.52 -10.43
CA HIS B 60 -10.06 -17.33 -10.82
C HIS B 60 -9.57 -16.55 -9.59
N LEU B 61 -10.43 -16.37 -8.61
CA LEU B 61 -10.03 -15.59 -7.47
C LEU B 61 -8.87 -16.29 -6.73
N ALA B 62 -8.98 -17.61 -6.57
CA ALA B 62 -7.95 -18.36 -5.84
C ALA B 62 -6.59 -18.17 -6.50
N VAL B 63 -6.60 -18.23 -7.82
CA VAL B 63 -5.37 -18.04 -8.55
C VAL B 63 -4.80 -16.64 -8.31
N ASN B 64 -5.69 -15.66 -8.29
CA ASN B 64 -5.29 -14.29 -8.02
C ASN B 64 -4.62 -14.22 -6.67
N TYR B 65 -5.23 -14.88 -5.70
CA TYR B 65 -4.71 -14.85 -4.34
C TYR B 65 -3.34 -15.50 -4.28
N ILE B 66 -3.17 -16.58 -5.03
CA ILE B 66 -1.92 -17.35 -4.98
C ILE B 66 -0.83 -16.53 -5.57
N ASP B 67 -1.11 -15.94 -6.71
CA ASP B 67 -0.12 -15.18 -7.37
C ASP B 67 0.31 -13.92 -6.56
N ARG B 68 -0.64 -13.29 -5.89
CA ARG B 68 -0.32 -12.19 -5.03
C ARG B 68 0.46 -12.64 -3.79
N PHE B 69 0.08 -13.77 -3.20
CA PHE B 69 0.79 -14.31 -2.03
C PHE B 69 2.24 -14.63 -2.39
N LEU B 70 2.42 -15.28 -3.54
CA LEU B 70 3.77 -15.67 -4.03
C LEU B 70 4.58 -14.51 -4.58
N SER B 71 3.96 -13.38 -4.79
CA SER B 71 4.69 -12.18 -5.14
C SER B 71 5.52 -11.63 -3.94
N SER B 72 5.20 -12.03 -2.72
CA SER B 72 5.96 -11.50 -1.57
C SER B 72 6.47 -12.55 -0.57
N MET B 73 5.94 -13.74 -0.65
CA MET B 73 6.33 -14.80 0.25
C MET B 73 6.97 -15.97 -0.53
N SER B 74 8.23 -16.23 -0.22
CA SER B 74 8.91 -17.42 -0.71
C SER B 74 8.25 -18.61 -0.06
N VAL B 75 8.11 -19.69 -0.81
CA VAL B 75 7.43 -20.84 -0.28
C VAL B 75 8.23 -22.08 -0.71
N LEU B 76 8.38 -23.07 0.16
CA LEU B 76 8.95 -24.37 -0.24
C LEU B 76 7.97 -25.21 -1.08
N ARG B 77 8.55 -26.04 -1.93
CA ARG B 77 7.75 -26.75 -2.90
C ARG B 77 6.74 -27.59 -2.18
N GLY B 78 7.17 -28.12 -1.05
CA GLY B 78 6.31 -28.95 -0.27
C GLY B 78 5.18 -28.25 0.41
N LYS B 79 5.21 -26.92 0.40
CA LYS B 79 4.10 -26.11 0.93
C LYS B 79 3.26 -25.36 -0.13
N LEU B 80 3.63 -25.45 -1.39
CA LEU B 80 2.84 -24.78 -2.43
C LEU B 80 1.34 -25.20 -2.41
N GLN B 81 1.09 -26.50 -2.26
CA GLN B 81 -0.26 -27.01 -2.24
C GLN B 81 -1.06 -26.59 -1.01
N LEU B 82 -0.37 -26.22 0.04
CA LEU B 82 -1.02 -25.67 1.21
C LEU B 82 -1.43 -24.21 0.98
N VAL B 83 -0.59 -23.45 0.32
CA VAL B 83 -0.98 -22.10 -0.05
C VAL B 83 -2.20 -22.18 -0.96
N GLY B 84 -2.11 -23.01 -1.99
CA GLY B 84 -3.23 -23.22 -2.90
C GLY B 84 -4.55 -23.63 -2.26
N THR B 85 -4.47 -24.58 -1.33
CA THR B 85 -5.63 -25.05 -0.60
C THR B 85 -6.30 -23.97 0.17
N ALA B 86 -5.50 -23.15 0.82
CA ALA B 86 -6.05 -22.06 1.62
C ALA B 86 -6.67 -20.97 0.70
N ALA B 87 -6.01 -20.70 -0.39
CA ALA B 87 -6.52 -19.70 -1.25
C ALA B 87 -7.91 -20.15 -1.78
N MET B 88 -8.04 -21.44 -2.15
CA MET B 88 -9.31 -21.95 -2.62
C MET B 88 -10.38 -21.89 -1.52
N LEU B 89 -9.97 -22.06 -0.25
CA LEU B 89 -10.94 -21.99 0.81
C LEU B 89 -11.42 -20.56 1.01
N LEU B 90 -10.50 -19.60 0.95
CA LEU B 90 -10.86 -18.21 1.06
C LEU B 90 -11.72 -17.82 -0.13
N ALA B 91 -11.32 -18.24 -1.33
CA ALA B 91 -12.13 -17.90 -2.49
C ALA B 91 -13.55 -18.49 -2.32
N SER B 92 -13.63 -19.73 -1.87
CA SER B 92 -14.96 -20.34 -1.72
C SER B 92 -15.79 -19.58 -0.69
N LYS B 93 -15.21 -19.19 0.43
CA LYS B 93 -15.92 -18.46 1.44
C LYS B 93 -16.38 -17.09 0.91
N PHE B 94 -15.55 -16.43 0.10
CA PHE B 94 -15.93 -15.16 -0.47
C PHE B 94 -17.09 -15.29 -1.50
N GLU B 95 -16.99 -16.25 -2.40
CA GLU B 95 -17.82 -16.31 -3.63
C GLU B 95 -18.96 -17.38 -3.66
N GLU B 96 -18.84 -18.43 -2.86
CA GLU B 96 -19.74 -19.57 -2.96
C GLU B 96 -20.93 -19.45 -2.02
N ILE B 97 -22.09 -19.86 -2.51
CA ILE B 97 -23.26 -19.91 -1.65
C ILE B 97 -23.02 -20.99 -0.59
N TYR B 98 -22.58 -22.17 -1.04
CA TYR B 98 -22.26 -23.26 -0.13
C TYR B 98 -20.80 -23.64 -0.24
N PRO B 99 -19.89 -22.93 0.41
CA PRO B 99 -18.50 -23.34 0.28
C PRO B 99 -18.33 -24.73 0.88
N PRO B 100 -17.38 -25.48 0.36
CA PRO B 100 -17.06 -26.78 0.96
C PRO B 100 -16.44 -26.61 2.34
N GLU B 101 -16.67 -27.55 3.25
CA GLU B 101 -16.21 -27.40 4.63
C GLU B 101 -14.70 -27.63 4.75
N VAL B 102 -14.08 -27.15 5.81
CA VAL B 102 -12.63 -27.22 5.90
C VAL B 102 -12.15 -28.65 5.75
N ALA B 103 -12.87 -29.57 6.37
CA ALA B 103 -12.48 -30.96 6.34
C ALA B 103 -12.37 -31.45 4.92
N GLU B 104 -13.19 -30.88 4.01
CA GLU B 104 -13.16 -31.32 2.63
C GLU B 104 -11.91 -30.86 1.90
N PHE B 105 -11.38 -29.70 2.29
CA PHE B 105 -10.15 -29.20 1.68
C PHE B 105 -8.92 -30.03 2.18
N VAL B 106 -8.87 -30.34 3.47
CA VAL B 106 -7.82 -31.23 4.01
C VAL B 106 -7.84 -32.57 3.25
N TYR B 107 -9.04 -33.13 3.11
CA TYR B 107 -9.21 -34.39 2.43
C TYR B 107 -8.73 -34.42 0.97
N ILE B 108 -9.01 -33.36 0.20
CA ILE B 108 -8.57 -33.30 -1.19
C ILE B 108 -7.05 -33.24 -1.35
N THR B 109 -6.32 -32.80 -0.33
CA THR B 109 -4.86 -32.91 -0.38
C THR B 109 -4.37 -34.29 0.03
N ASP B 110 -5.25 -35.29 0.02
CA ASP B 110 -4.95 -36.66 0.50
C ASP B 110 -4.16 -36.62 1.80
N ASP B 111 -4.64 -35.80 2.74
CA ASP B 111 -4.02 -35.64 4.08
C ASP B 111 -2.52 -35.35 4.07
N THR B 112 -2.11 -34.58 3.07
CA THR B 112 -0.81 -33.96 3.09
C THR B 112 -0.71 -32.96 4.26
N TYR B 113 -1.79 -32.31 4.59
CA TYR B 113 -1.71 -31.28 5.58
C TYR B 113 -2.74 -31.52 6.61
N THR B 114 -2.61 -30.88 7.76
CA THR B 114 -3.66 -30.97 8.75
C THR B 114 -4.59 -29.79 8.65
N LYS B 115 -5.78 -29.98 9.22
CA LYS B 115 -6.79 -28.95 9.31
C LYS B 115 -6.24 -27.70 9.96
N LYS B 116 -5.41 -27.88 10.98
CA LYS B 116 -4.80 -26.77 11.70
C LYS B 116 -3.83 -26.06 10.79
N GLN B 117 -3.18 -26.81 9.92
CA GLN B 117 -2.25 -26.16 9.01
C GLN B 117 -3.03 -25.30 7.98
N VAL B 118 -4.13 -25.83 7.50
CA VAL B 118 -4.91 -25.13 6.52
C VAL B 118 -5.47 -23.86 7.10
N LEU B 119 -5.99 -23.97 8.31
CA LEU B 119 -6.53 -22.84 8.99
C LEU B 119 -5.45 -21.79 9.30
N ARG B 120 -4.24 -22.22 9.64
CA ARG B 120 -3.21 -21.25 9.98
C ARG B 120 -2.74 -20.59 8.69
N MET B 121 -2.70 -21.34 7.61
CA MET B 121 -2.32 -20.79 6.31
C MET B 121 -3.42 -19.84 5.77
N GLU B 122 -4.68 -20.12 6.04
CA GLU B 122 -5.74 -19.12 5.77
C GLU B 122 -5.48 -17.73 6.42
N HIS B 123 -5.17 -17.73 7.72
CA HIS B 123 -4.83 -16.49 8.41
C HIS B 123 -3.65 -15.76 7.78
N LEU B 124 -2.57 -16.48 7.49
CA LEU B 124 -1.39 -15.83 6.95
C LEU B 124 -1.73 -15.26 5.55
N VAL B 125 -2.45 -16.03 4.75
CA VAL B 125 -2.87 -15.53 3.46
C VAL B 125 -3.72 -14.28 3.60
N LEU B 126 -4.67 -14.29 4.51
CA LEU B 126 -5.44 -13.09 4.78
C LEU B 126 -4.57 -11.93 5.19
N LYS B 127 -3.57 -12.22 6.03
CA LYS B 127 -2.66 -11.19 6.47
C LYS B 127 -1.83 -10.64 5.33
N VAL B 128 -1.33 -11.51 4.47
CA VAL B 128 -0.43 -11.06 3.41
C VAL B 128 -1.22 -10.27 2.39
N LEU B 129 -2.47 -10.64 2.15
CA LEU B 129 -3.32 -9.92 1.19
C LEU B 129 -4.02 -8.71 1.82
N THR B 130 -3.82 -8.54 3.14
CA THR B 130 -4.50 -7.54 3.98
C THR B 130 -6.02 -7.48 3.75
N PHE B 131 -6.61 -8.68 3.65
CA PHE B 131 -8.05 -8.89 3.49
C PHE B 131 -8.63 -8.33 2.18
N ASP B 132 -7.77 -8.05 1.21
CA ASP B 132 -8.23 -7.48 -0.04
C ASP B 132 -8.58 -8.58 -1.04
N LEU B 133 -9.70 -9.22 -0.78
CA LEU B 133 -10.14 -10.38 -1.52
C LEU B 133 -11.01 -10.12 -2.78
N ALA B 134 -11.62 -8.94 -2.87
CA ALA B 134 -12.59 -8.67 -3.93
C ALA B 134 -11.88 -8.25 -5.19
N ALA B 135 -11.05 -9.14 -5.72
CA ALA B 135 -10.26 -8.82 -6.88
C ALA B 135 -11.00 -9.07 -8.19
N PRO B 136 -10.73 -8.26 -9.19
CA PRO B 136 -11.25 -8.51 -10.51
C PRO B 136 -10.65 -9.73 -11.18
N THR B 137 -11.44 -10.45 -11.93
CA THR B 137 -10.94 -11.60 -12.66
C THR B 137 -11.23 -11.50 -14.18
N VAL B 138 -10.64 -12.41 -14.91
CA VAL B 138 -10.89 -12.50 -16.30
C VAL B 138 -12.39 -12.73 -16.46
N ASN B 139 -12.89 -13.50 -15.52
CA ASN B 139 -14.23 -13.92 -15.57
C ASN B 139 -15.14 -12.74 -15.47
N GLN B 140 -14.85 -11.85 -14.52
CA GLN B 140 -15.69 -10.70 -14.32
C GLN B 140 -15.77 -9.78 -15.53
N PHE B 141 -14.70 -9.71 -16.31
CA PHE B 141 -14.67 -8.85 -17.48
C PHE B 141 -15.40 -9.49 -18.71
N LEU B 142 -15.22 -10.79 -18.89
CA LEU B 142 -15.81 -11.55 -20.01
C LEU B 142 -17.33 -11.44 -19.98
N THR B 143 -17.83 -11.60 -18.78
CA THR B 143 -19.25 -11.62 -18.50
C THR B 143 -19.88 -10.27 -18.92
N GLN B 144 -19.17 -9.17 -18.68
CA GLN B 144 -19.59 -7.89 -19.24
C GLN B 144 -19.43 -7.82 -20.76
N TYR B 145 -18.37 -8.41 -21.30
CA TYR B 145 -18.12 -8.29 -22.71
C TYR B 145 -19.24 -9.09 -23.45
N PHE B 146 -19.67 -10.20 -22.86
CA PHE B 146 -20.73 -11.05 -23.42
C PHE B 146 -22.06 -10.30 -23.73
N LEU B 147 -22.38 -9.29 -22.94
CA LEU B 147 -23.55 -8.47 -23.17
C LEU B 147 -23.48 -7.71 -24.51
N HIS B 148 -22.37 -7.83 -25.18
CA HIS B 148 -22.19 -7.14 -26.43
C HIS B 148 -22.32 -8.08 -27.62
N GLN B 149 -22.69 -9.33 -27.41
CA GLN B 149 -22.90 -10.17 -28.58
C GLN B 149 -24.26 -9.84 -29.17
N GLN B 150 -24.38 -10.07 -30.48
CA GLN B 150 -25.61 -9.87 -31.23
C GLN B 150 -25.75 -10.98 -32.27
N PRO B 151 -26.63 -11.93 -31.98
CA PRO B 151 -27.24 -12.08 -30.66
C PRO B 151 -26.32 -12.90 -29.77
N ALA B 152 -26.75 -13.18 -28.56
CA ALA B 152 -25.96 -14.03 -27.66
C ALA B 152 -25.65 -15.37 -28.31
N ASN B 153 -24.45 -15.89 -28.09
CA ASN B 153 -24.10 -17.23 -28.56
C ASN B 153 -23.37 -18.05 -27.46
N CYS B 154 -24.03 -19.10 -26.99
CA CYS B 154 -23.54 -19.93 -25.89
C CYS B 154 -22.18 -20.50 -26.12
N LYS B 155 -21.99 -21.00 -27.32
CA LYS B 155 -20.71 -21.54 -27.69
C LYS B 155 -19.61 -20.51 -27.55
N VAL B 156 -19.86 -19.28 -28.00
CA VAL B 156 -18.88 -18.19 -27.88
C VAL B 156 -18.59 -17.96 -26.40
N GLU B 157 -19.62 -17.81 -25.62
CA GLU B 157 -19.47 -17.64 -24.20
C GLU B 157 -18.61 -18.70 -23.53
N SER B 158 -18.95 -19.97 -23.72
CA SER B 158 -18.19 -21.07 -23.19
C SER B 158 -16.78 -21.19 -23.76
N LEU B 159 -16.57 -20.94 -25.04
CA LEU B 159 -15.18 -21.01 -25.54
C LEU B 159 -14.28 -19.85 -24.97
N ALA B 160 -14.88 -18.67 -24.79
CA ALA B 160 -14.17 -17.54 -24.14
C ALA B 160 -13.69 -17.87 -22.71
N MET B 161 -14.59 -18.46 -21.90
CA MET B 161 -14.28 -18.95 -20.55
C MET B 161 -13.21 -20.00 -20.58
N PHE B 162 -13.29 -20.88 -21.58
CA PHE B 162 -12.37 -21.93 -21.71
C PHE B 162 -11.02 -21.33 -21.91
N LEU B 163 -10.91 -20.47 -22.92
CA LEU B 163 -9.67 -19.81 -23.24
C LEU B 163 -9.13 -19.05 -22.03
N GLY B 164 -10.03 -18.42 -21.28
CA GLY B 164 -9.63 -17.61 -20.16
C GLY B 164 -9.07 -18.50 -19.09
N GLU B 165 -9.67 -19.66 -18.89
CA GLU B 165 -9.18 -20.62 -17.92
C GLU B 165 -7.79 -21.10 -18.22
N LEU B 166 -7.52 -21.30 -19.50
CA LEU B 166 -6.23 -21.82 -19.91
C LEU B 166 -5.11 -20.82 -19.58
N SER B 167 -5.47 -19.55 -19.63
CA SER B 167 -4.48 -18.53 -19.34
C SER B 167 -4.06 -18.52 -17.86
N LEU B 168 -4.84 -19.13 -16.99
CA LEU B 168 -4.48 -19.26 -15.58
C LEU B 168 -3.27 -20.16 -15.36
N ILE B 169 -3.09 -21.13 -16.24
CA ILE B 169 -2.14 -22.23 -16.05
C ILE B 169 -0.71 -21.79 -16.22
N ASP B 170 -0.53 -20.86 -17.15
CA ASP B 170 0.80 -20.48 -17.64
C ASP B 170 1.22 -19.02 -17.26
N ALA B 171 1.89 -18.90 -16.14
CA ALA B 171 2.29 -17.63 -15.60
C ALA B 171 3.15 -16.88 -16.62
N ASP B 172 3.99 -17.62 -17.31
CA ASP B 172 4.67 -17.13 -18.50
C ASP B 172 3.86 -17.59 -19.69
N PRO B 173 3.26 -16.66 -20.44
CA PRO B 173 3.45 -15.22 -20.27
C PRO B 173 2.32 -14.47 -19.60
N TYR B 174 1.27 -15.15 -19.20
CA TYR B 174 0.02 -14.46 -18.99
C TYR B 174 0.10 -13.49 -17.79
N LEU B 175 1.05 -13.69 -16.89
CA LEU B 175 1.16 -12.78 -15.75
C LEU B 175 1.37 -11.34 -16.21
N LYS B 176 1.90 -11.17 -17.40
CA LYS B 176 2.15 -9.86 -17.94
C LYS B 176 0.84 -9.07 -18.23
N TYR B 177 -0.25 -9.78 -18.46
CA TYR B 177 -1.44 -9.14 -18.96
C TYR B 177 -2.51 -8.93 -17.91
N LEU B 178 -3.21 -7.79 -17.96
CA LEU B 178 -4.31 -7.55 -17.00
C LEU B 178 -5.53 -8.39 -17.36
N PRO B 179 -6.35 -8.69 -16.37
CA PRO B 179 -7.58 -9.46 -16.57
C PRO B 179 -8.47 -8.93 -17.70
N SER B 180 -8.57 -7.62 -17.86
CA SER B 180 -9.45 -7.02 -18.80
C SER B 180 -8.97 -7.28 -20.25
N VAL B 181 -7.64 -7.31 -20.40
CA VAL B 181 -6.94 -7.62 -21.63
C VAL B 181 -6.98 -9.13 -21.97
N ILE B 182 -6.68 -10.01 -21.04
CA ILE B 182 -6.89 -11.45 -21.31
C ILE B 182 -8.36 -11.78 -21.68
N ALA B 183 -9.29 -11.04 -21.10
CA ALA B 183 -10.68 -11.18 -21.43
C ALA B 183 -10.96 -10.75 -22.84
N GLY B 184 -10.30 -9.70 -23.26
CA GLY B 184 -10.54 -9.14 -24.59
C GLY B 184 -10.06 -10.07 -25.68
N ALA B 185 -8.86 -10.56 -25.49
CA ALA B 185 -8.31 -11.54 -26.38
C ALA B 185 -9.17 -12.81 -26.44
N ALA B 186 -9.55 -13.32 -25.27
CA ALA B 186 -10.35 -14.53 -25.22
C ALA B 186 -11.71 -14.37 -25.93
N PHE B 187 -12.40 -13.27 -25.66
CA PHE B 187 -13.67 -12.99 -26.26
C PHE B 187 -13.56 -12.93 -27.79
N HIS B 188 -12.52 -12.24 -28.27
CA HIS B 188 -12.31 -12.08 -29.68
C HIS B 188 -11.95 -13.40 -30.34
N LEU B 189 -11.05 -14.12 -29.72
CA LEU B 189 -10.70 -15.44 -30.17
C LEU B 189 -11.87 -16.39 -30.21
N ALA B 190 -12.74 -16.32 -29.23
CA ALA B 190 -13.89 -17.22 -29.19
C ALA B 190 -14.89 -16.91 -30.31
N LEU B 191 -15.16 -15.64 -30.47
CA LEU B 191 -16.08 -15.16 -31.44
C LEU B 191 -15.58 -15.45 -32.87
N TYR B 192 -14.33 -15.15 -33.13
CA TYR B 192 -13.75 -15.43 -34.41
C TYR B 192 -13.87 -16.92 -34.74
N THR B 193 -13.65 -17.75 -33.73
CA THR B 193 -13.52 -19.17 -33.95
C THR B 193 -14.86 -19.80 -34.26
N VAL B 194 -15.89 -19.37 -33.52
CA VAL B 194 -17.21 -19.96 -33.61
C VAL B 194 -18.05 -19.34 -34.73
N THR B 195 -18.00 -18.01 -34.85
CA THR B 195 -18.76 -17.26 -35.85
C THR B 195 -17.97 -16.53 -36.91
N GLY B 196 -16.66 -16.49 -36.80
CA GLY B 196 -15.85 -15.62 -37.65
C GLY B 196 -16.10 -14.12 -37.48
N GLN B 197 -16.88 -13.72 -36.49
CA GLN B 197 -16.95 -12.32 -36.18
C GLN B 197 -15.68 -11.89 -35.41
N SER B 198 -15.56 -10.60 -35.16
CA SER B 198 -14.42 -10.04 -34.46
C SER B 198 -14.82 -9.12 -33.34
N TRP B 199 -13.84 -8.84 -32.46
CA TRP B 199 -13.95 -7.80 -31.43
C TRP B 199 -14.80 -6.60 -31.80
N PRO B 200 -15.99 -6.48 -31.22
CA PRO B 200 -16.96 -5.47 -31.70
C PRO B 200 -16.67 -4.04 -31.27
N GLU B 201 -17.09 -3.16 -32.16
CA GLU B 201 -16.90 -1.74 -32.03
C GLU B 201 -17.50 -1.18 -30.77
N SER B 202 -18.63 -1.73 -30.35
CA SER B 202 -19.20 -1.30 -29.08
C SER B 202 -18.23 -1.58 -27.89
N LEU B 203 -17.36 -2.57 -28.02
CA LEU B 203 -16.44 -2.91 -26.95
C LEU B 203 -15.22 -2.03 -27.01
N ILE B 204 -14.93 -1.53 -28.20
CA ILE B 204 -13.91 -0.52 -28.35
C ILE B 204 -14.35 0.70 -27.60
N ARG B 205 -15.58 1.13 -27.86
CA ARG B 205 -16.09 2.31 -27.18
C ARG B 205 -16.08 2.16 -25.64
N LYS B 206 -16.52 0.99 -25.18
CA LYS B 206 -16.54 0.69 -23.77
C LYS B 206 -15.14 0.60 -23.18
N THR B 207 -14.26 -0.20 -23.77
CA THR B 207 -13.01 -0.56 -23.09
C THR B 207 -11.82 0.30 -23.49
N GLY B 208 -11.92 0.92 -24.65
CA GLY B 208 -10.79 1.64 -25.21
C GLY B 208 -9.78 0.72 -25.87
N TYR B 209 -10.05 -0.59 -25.82
CA TYR B 209 -9.17 -1.53 -26.43
C TYR B 209 -9.53 -1.76 -27.90
N THR B 210 -8.53 -2.04 -28.70
CA THR B 210 -8.74 -2.44 -30.10
C THR B 210 -8.04 -3.74 -30.30
N LEU B 211 -8.25 -4.29 -31.48
CA LEU B 211 -7.60 -5.51 -31.85
C LEU B 211 -6.12 -5.26 -31.90
N GLU B 212 -5.76 -4.04 -32.18
CA GLU B 212 -4.35 -3.68 -32.20
C GLU B 212 -3.74 -3.75 -30.81
N SER B 213 -4.43 -3.19 -29.82
CA SER B 213 -3.88 -3.23 -28.48
C SER B 213 -3.97 -4.63 -27.89
N LEU B 214 -4.90 -5.45 -28.40
CA LEU B 214 -5.07 -6.81 -27.90
C LEU B 214 -4.15 -7.83 -28.55
N LYS B 215 -3.47 -7.40 -29.63
CA LYS B 215 -2.66 -8.31 -30.44
C LYS B 215 -1.66 -9.15 -29.72
N PRO B 216 -0.78 -8.56 -28.93
CA PRO B 216 0.21 -9.32 -28.14
C PRO B 216 -0.40 -10.46 -27.28
N CYS B 217 -1.36 -10.14 -26.41
CA CYS B 217 -2.03 -11.18 -25.64
C CYS B 217 -2.72 -12.19 -26.60
N LEU B 218 -3.37 -11.68 -27.64
CA LEU B 218 -4.05 -12.53 -28.59
C LEU B 218 -3.10 -13.53 -29.25
N MET B 219 -1.90 -13.06 -29.58
CA MET B 219 -0.92 -13.90 -30.23
C MET B 219 -0.53 -15.02 -29.28
N ASP B 220 -0.26 -14.70 -28.02
CA ASP B 220 0.05 -15.75 -27.10
C ASP B 220 -1.18 -16.67 -27.01
N LEU B 221 -2.36 -16.10 -26.88
CA LEU B 221 -3.51 -16.92 -26.54
C LEU B 221 -3.84 -17.90 -27.70
N HIS B 222 -3.60 -17.45 -28.91
CA HIS B 222 -3.86 -18.29 -30.05
C HIS B 222 -2.86 -19.46 -30.06
N GLN B 223 -1.60 -19.20 -29.73
CA GLN B 223 -0.64 -20.29 -29.62
C GLN B 223 -1.05 -21.22 -28.52
N THR B 224 -1.47 -20.68 -27.39
CA THR B 224 -1.90 -21.56 -26.30
C THR B 224 -3.06 -22.45 -26.74
N TYR B 225 -4.02 -21.87 -27.42
CA TYR B 225 -5.21 -22.61 -27.88
C TYR B 225 -4.80 -23.74 -28.88
N LEU B 226 -3.82 -23.47 -29.76
CA LEU B 226 -3.41 -24.46 -30.75
C LEU B 226 -2.60 -25.59 -30.08
N LYS B 227 -1.74 -25.23 -29.15
CA LYS B 227 -0.92 -26.19 -28.42
C LYS B 227 -1.62 -26.91 -27.28
N ALA B 228 -2.89 -26.59 -27.09
CA ALA B 228 -3.57 -27.08 -25.91
C ALA B 228 -3.66 -28.62 -25.78
N PRO B 229 -3.84 -29.35 -26.88
CA PRO B 229 -3.88 -30.81 -26.77
C PRO B 229 -2.59 -31.47 -26.34
N GLN B 230 -1.49 -30.77 -26.50
CA GLN B 230 -0.19 -31.29 -26.10
C GLN B 230 0.35 -30.76 -24.78
N HIS B 231 -0.37 -29.86 -24.13
CA HIS B 231 0.10 -29.27 -22.85
C HIS B 231 0.06 -30.39 -21.81
N ALA B 232 1.06 -30.42 -20.94
CA ALA B 232 1.11 -31.38 -19.83
C ALA B 232 -0.13 -31.38 -18.90
N GLN B 233 -0.76 -30.24 -18.73
CA GLN B 233 -1.96 -30.11 -17.93
C GLN B 233 -3.20 -30.18 -18.81
N GLN B 234 -4.19 -30.92 -18.38
CA GLN B 234 -5.28 -31.28 -19.26
C GLN B 234 -6.62 -31.13 -18.57
N SER B 235 -6.61 -30.83 -17.29
CA SER B 235 -7.85 -30.73 -16.58
C SER B 235 -8.83 -29.66 -17.16
N ILE B 236 -8.32 -28.58 -17.74
CA ILE B 236 -9.23 -27.61 -18.29
C ILE B 236 -9.88 -28.16 -19.57
N ARG B 237 -9.10 -28.73 -20.49
CA ARG B 237 -9.74 -29.42 -21.65
C ARG B 237 -10.74 -30.51 -21.23
N GLU B 238 -10.38 -31.34 -20.28
CA GLU B 238 -11.32 -32.34 -19.83
C GLU B 238 -12.61 -31.73 -19.34
N LYS B 239 -12.49 -30.78 -18.41
CA LYS B 239 -13.62 -29.99 -17.95
C LYS B 239 -14.51 -29.54 -19.09
N TYR B 240 -13.96 -28.82 -20.05
CA TYR B 240 -14.79 -28.14 -21.03
C TYR B 240 -15.25 -29.07 -22.18
N LYS B 241 -14.96 -30.35 -22.07
CA LYS B 241 -15.56 -31.33 -22.94
C LYS B 241 -16.99 -31.58 -22.49
N ASN B 242 -17.31 -31.25 -21.26
CA ASN B 242 -18.68 -31.43 -20.77
C ASN B 242 -19.76 -30.62 -21.51
N SER B 243 -20.98 -31.16 -21.40
CA SER B 243 -22.21 -30.49 -21.83
C SER B 243 -22.51 -29.17 -21.13
N LYS B 244 -22.18 -29.06 -19.86
CA LYS B 244 -22.33 -27.76 -19.22
C LYS B 244 -21.69 -26.64 -20.07
N TYR B 245 -20.61 -26.97 -20.71
CA TYR B 245 -19.82 -25.97 -21.42
C TYR B 245 -19.92 -26.21 -22.91
N HIS B 246 -21.02 -26.84 -23.32
CA HIS B 246 -21.29 -27.06 -24.73
C HIS B 246 -20.06 -27.66 -25.43
N GLY B 247 -19.30 -28.49 -24.71
CA GLY B 247 -18.17 -29.19 -25.28
C GLY B 247 -17.19 -28.36 -26.09
N VAL B 248 -17.03 -27.07 -25.76
CA VAL B 248 -16.24 -26.19 -26.60
C VAL B 248 -14.76 -26.55 -26.67
N SER B 249 -14.24 -27.36 -25.75
CA SER B 249 -12.87 -27.83 -25.94
C SER B 249 -12.72 -28.80 -27.10
N LEU B 250 -13.83 -29.32 -27.61
CA LEU B 250 -13.75 -30.19 -28.78
C LEU B 250 -13.79 -29.43 -30.10
N LEU B 251 -14.02 -28.12 -30.07
CA LEU B 251 -13.96 -27.28 -31.27
C LEU B 251 -12.53 -27.13 -31.77
N ASN B 252 -12.37 -26.98 -33.09
CA ASN B 252 -11.03 -26.79 -33.66
C ASN B 252 -10.66 -25.33 -33.70
N PRO B 253 -9.45 -25.04 -33.25
CA PRO B 253 -8.90 -23.70 -33.26
C PRO B 253 -8.54 -23.30 -34.69
N PRO B 254 -8.59 -22.01 -34.93
CA PRO B 254 -8.28 -21.47 -36.25
C PRO B 254 -6.78 -21.42 -36.48
N GLU B 255 -6.41 -21.76 -37.70
CA GLU B 255 -5.01 -21.90 -38.05
C GLU B 255 -4.36 -20.53 -38.19
N THR B 256 -5.18 -19.53 -38.51
CA THR B 256 -4.74 -18.14 -38.63
C THR B 256 -5.80 -17.19 -38.11
N LEU B 257 -5.40 -16.02 -37.65
CA LEU B 257 -6.39 -15.07 -37.12
C LEU B 257 -6.67 -13.93 -38.09
N ASN B 258 -5.83 -13.84 -39.11
CA ASN B 258 -5.93 -12.79 -40.10
C ASN B 258 -5.86 -11.40 -39.45
N LEU B 259 -4.67 -11.04 -39.00
CA LEU B 259 -4.43 -9.73 -38.40
C LEU B 259 -3.21 -9.05 -39.05
N SER C 5 1.83 -13.53 16.99
CA SER C 5 2.80 -12.67 16.26
C SER C 5 3.94 -13.49 15.65
N MET C 6 4.78 -14.01 16.53
CA MET C 6 5.91 -14.81 16.12
C MET C 6 5.62 -16.31 16.05
N GLU C 7 4.33 -16.65 16.20
CA GLU C 7 3.83 -18.03 16.14
C GLU C 7 4.40 -18.83 14.98
N ASN C 8 4.46 -18.22 13.82
CA ASN C 8 4.79 -18.90 12.60
C ASN C 8 6.28 -19.06 12.39
N PHE C 9 7.08 -18.59 13.33
CA PHE C 9 8.50 -18.78 13.21
C PHE C 9 9.10 -19.74 14.23
N GLN C 10 9.89 -20.69 13.74
CA GLN C 10 10.58 -21.65 14.61
C GLN C 10 12.06 -21.36 14.64
N LYS C 11 12.56 -20.99 15.80
CA LYS C 11 13.95 -20.63 15.88
C LYS C 11 14.75 -21.91 15.74
N VAL C 12 15.80 -21.83 14.94
CA VAL C 12 16.64 -22.97 14.61
C VAL C 12 18.05 -22.87 15.27
N GLU C 13 18.60 -21.67 15.43
CA GLU C 13 19.93 -21.53 16.03
C GLU C 13 20.40 -20.10 15.99
N LYS C 14 21.41 -19.80 16.81
CA LYS C 14 22.09 -18.52 16.81
C LYS C 14 22.95 -18.34 15.56
N ILE C 15 22.89 -17.13 14.99
CA ILE C 15 23.70 -16.80 13.83
C ILE C 15 24.81 -15.85 14.27
N GLY C 16 24.55 -15.09 15.32
CA GLY C 16 25.49 -14.10 15.79
C GLY C 16 24.85 -13.09 16.71
N GLU C 17 25.37 -11.87 16.71
CA GLU C 17 24.83 -10.81 17.54
C GLU C 17 25.16 -9.43 17.00
N GLY C 18 24.12 -8.61 16.85
CA GLY C 18 24.24 -7.25 16.35
C GLY C 18 24.40 -6.26 17.49
N THR C 19 23.92 -5.02 17.31
CA THR C 19 24.16 -3.98 18.31
C THR C 19 23.07 -3.89 19.39
N TYR C 20 21.85 -4.35 19.07
CA TYR C 20 20.74 -4.28 20.02
C TYR C 20 20.07 -5.65 20.25
N GLY C 21 20.81 -6.73 20.02
CA GLY C 21 20.30 -8.04 20.34
C GLY C 21 21.09 -9.18 19.75
N VAL C 22 20.55 -10.37 19.98
CA VAL C 22 21.05 -11.60 19.36
C VAL C 22 20.25 -11.85 18.09
N VAL C 23 20.93 -12.38 17.07
CA VAL C 23 20.31 -12.73 15.81
C VAL C 23 20.08 -14.24 15.70
N TYR C 24 18.86 -14.61 15.32
CA TYR C 24 18.53 -16.01 15.17
C TYR C 24 18.20 -16.39 13.75
N LYS C 25 18.46 -17.67 13.44
CA LYS C 25 18.04 -18.26 12.20
C LYS C 25 16.78 -18.99 12.57
N ALA C 26 15.78 -18.83 11.71
CA ALA C 26 14.46 -19.37 11.98
C ALA C 26 13.78 -19.74 10.66
N ARG C 27 12.71 -20.50 10.74
CA ARG C 27 12.02 -20.87 9.57
C ARG C 27 10.52 -20.64 9.74
N ASN C 28 9.93 -20.28 8.65
CA ASN C 28 8.54 -19.97 8.65
C ASN C 28 7.88 -21.29 8.61
N LYS C 29 7.03 -21.58 9.57
CA LYS C 29 6.47 -22.92 9.68
C LYS C 29 5.43 -23.29 8.62
N LEU C 30 4.73 -22.28 8.08
CA LEU C 30 3.74 -22.52 7.03
C LEU C 30 4.34 -22.57 5.60
N THR C 31 5.32 -21.72 5.30
CA THR C 31 5.90 -21.65 3.98
C THR C 31 7.25 -22.38 3.80
N GLY C 32 7.93 -22.67 4.92
CA GLY C 32 9.24 -23.28 4.87
C GLY C 32 10.32 -22.25 4.74
N GLU C 33 9.97 -20.98 4.56
CA GLU C 33 11.03 -20.01 4.29
C GLU C 33 11.97 -19.91 5.53
N VAL C 34 13.27 -19.89 5.26
CA VAL C 34 14.30 -19.75 6.28
C VAL C 34 14.68 -18.27 6.30
N VAL C 35 14.70 -17.66 7.48
CA VAL C 35 15.03 -16.23 7.60
C VAL C 35 16.03 -15.95 8.77
N ALA C 36 16.58 -14.74 8.80
CA ALA C 36 17.32 -14.22 9.96
C ALA C 36 16.40 -13.21 10.65
N LEU C 37 16.08 -13.52 11.90
CA LEU C 37 15.36 -12.64 12.82
C LEU C 37 16.34 -11.84 13.66
N LYS C 38 16.05 -10.54 13.67
CA LYS C 38 16.77 -9.57 14.52
C LYS C 38 15.74 -8.94 15.51
N LYS C 39 15.99 -9.13 16.80
CA LYS C 39 15.12 -8.65 17.86
C LYS C 39 15.67 -7.32 18.43
N ILE C 40 14.80 -6.32 18.48
CA ILE C 40 15.16 -4.99 19.00
C ILE C 40 14.20 -4.63 20.16
N ARG C 41 14.78 -4.47 21.34
CA ARG C 41 14.02 -4.06 22.50
C ARG C 41 13.70 -2.56 22.41
N LEU C 42 12.45 -2.24 22.63
CA LEU C 42 12.05 -0.86 22.76
C LEU C 42 12.11 -0.39 24.23
N ASP C 43 11.38 -1.09 25.09
CA ASP C 43 11.21 -0.71 26.47
C ASP C 43 10.06 0.25 26.78
N THR C 44 10.22 1.49 26.36
CA THR C 44 9.27 2.43 26.83
C THR C 44 9.70 2.78 28.22
N GLU C 45 9.11 3.83 28.73
CA GLU C 45 9.62 4.41 29.95
C GLU C 45 10.87 5.18 29.70
N THR C 46 11.57 4.86 28.64
CA THR C 46 12.95 5.28 28.47
C THR C 46 13.17 6.22 27.25
N GLU C 47 13.69 5.66 26.18
CA GLU C 47 14.09 6.43 25.00
C GLU C 47 13.34 5.96 23.74
N GLY C 48 12.47 4.97 23.87
CA GLY C 48 11.66 4.50 22.77
C GLY C 48 12.44 3.71 21.74
N VAL C 49 12.14 3.93 20.46
CA VAL C 49 12.75 3.13 19.38
C VAL C 49 14.10 3.70 19.07
N PRO C 50 15.13 2.89 19.04
CA PRO C 50 16.47 3.44 18.88
C PRO C 50 16.75 3.98 17.47
N SER C 51 17.51 5.07 17.40
CA SER C 51 17.66 5.75 16.14
C SER C 51 18.29 4.80 15.12
N THR C 52 19.19 3.91 15.56
CA THR C 52 19.86 3.04 14.63
C THR C 52 18.79 2.18 13.93
N ALA C 53 17.75 1.75 14.65
CA ALA C 53 16.75 0.91 14.03
C ALA C 53 15.80 1.71 13.15
N ILE C 54 15.48 2.95 13.56
CA ILE C 54 14.65 3.76 12.70
C ILE C 54 15.39 3.97 11.39
N ARG C 55 16.67 4.25 11.46
CA ARG C 55 17.39 4.49 10.23
C ARG C 55 17.47 3.20 9.40
N GLU C 56 17.80 2.08 10.07
CA GLU C 56 17.98 0.81 9.40
C GLU C 56 16.75 0.43 8.61
N ILE C 57 15.60 0.43 9.27
CA ILE C 57 14.38 -0.05 8.70
C ILE C 57 13.91 0.92 7.62
N SER C 58 13.94 2.21 7.94
CA SER C 58 13.48 3.13 6.94
C SER C 58 14.36 3.06 5.71
N LEU C 59 15.67 3.09 5.89
CA LEU C 59 16.53 3.08 4.71
C LEU C 59 16.51 1.78 3.94
N LEU C 60 16.31 0.67 4.64
CA LEU C 60 16.27 -0.60 3.93
C LEU C 60 15.03 -0.64 3.06
N LYS C 61 13.96 0.00 3.54
CA LYS C 61 12.66 -0.07 2.87
C LYS C 61 12.73 0.63 1.50
N GLU C 62 13.74 1.46 1.31
CA GLU C 62 13.95 2.10 0.05
C GLU C 62 15.16 1.56 -0.72
N LEU C 63 15.58 0.35 -0.41
CA LEU C 63 16.70 -0.23 -1.11
C LEU C 63 16.32 -1.60 -1.57
N ASN C 64 15.59 -1.69 -2.67
CA ASN C 64 15.27 -2.97 -3.25
C ASN C 64 16.18 -3.31 -4.41
N HIS C 65 17.21 -4.09 -4.16
CA HIS C 65 18.20 -4.46 -5.18
C HIS C 65 18.74 -5.85 -4.90
N PRO C 66 18.97 -6.64 -5.93
CA PRO C 66 19.47 -8.00 -5.76
C PRO C 66 20.65 -8.15 -4.80
N ASN C 67 21.51 -7.14 -4.73
CA ASN C 67 22.72 -7.20 -3.94
C ASN C 67 22.70 -6.42 -2.59
N ILE C 68 21.48 -6.15 -2.12
CA ILE C 68 21.27 -5.51 -0.81
C ILE C 68 20.33 -6.44 -0.04
N VAL C 69 20.67 -6.78 1.21
CA VAL C 69 19.90 -7.75 1.93
C VAL C 69 18.45 -7.25 1.97
N LYS C 70 17.51 -8.17 2.00
CA LYS C 70 16.11 -7.82 1.93
C LYS C 70 15.45 -7.95 3.29
N LEU C 71 14.87 -6.85 3.73
CA LEU C 71 13.98 -6.83 4.89
C LEU C 71 12.63 -7.35 4.46
N LEU C 72 12.20 -8.45 5.05
CA LEU C 72 10.97 -9.08 4.62
C LEU C 72 9.74 -8.65 5.44
N ASP C 73 9.90 -8.40 6.73
CA ASP C 73 8.77 -8.00 7.57
C ASP C 73 9.32 -7.25 8.77
N VAL C 74 8.46 -6.46 9.39
CA VAL C 74 8.78 -5.90 10.66
C VAL C 74 7.63 -6.23 11.52
N ILE C 75 7.85 -7.02 12.55
CA ILE C 75 6.76 -7.45 13.40
C ILE C 75 6.77 -6.68 14.70
N HIS C 76 5.62 -6.08 15.05
CA HIS C 76 5.53 -5.17 16.21
C HIS C 76 4.96 -5.84 17.41
N THR C 77 5.36 -5.33 18.56
CA THR C 77 4.67 -5.64 19.80
C THR C 77 4.94 -4.43 20.58
N GLU C 78 4.25 -4.27 21.70
CA GLU C 78 4.44 -3.07 22.51
C GLU C 78 5.85 -2.95 23.10
N ASN C 79 6.56 -4.06 23.27
CA ASN C 79 7.89 -4.01 23.92
C ASN C 79 9.05 -4.42 23.05
N LYS C 80 8.73 -5.06 21.92
CA LYS C 80 9.76 -5.58 21.09
C LYS C 80 9.48 -5.37 19.61
N LEU C 81 10.54 -5.22 18.87
CA LEU C 81 10.50 -5.20 17.43
C LEU C 81 11.27 -6.41 16.87
N TYR C 82 10.62 -7.18 16.01
CA TYR C 82 11.28 -8.23 15.26
C TYR C 82 11.42 -7.87 13.82
N LEU C 83 12.66 -7.83 13.36
CA LEU C 83 13.00 -7.64 11.97
C LEU C 83 13.27 -9.04 11.33
N VAL C 84 12.62 -9.29 10.18
CA VAL C 84 12.71 -10.56 9.43
C VAL C 84 13.41 -10.31 8.11
N PHE C 85 14.60 -10.88 8.04
CA PHE C 85 15.47 -10.72 6.88
C PHE C 85 15.52 -12.04 6.14
N GLU C 86 15.89 -11.99 4.87
CA GLU C 86 16.18 -13.21 4.16
C GLU C 86 17.43 -13.82 4.80
N PHE C 87 17.50 -15.13 4.74
CA PHE C 87 18.65 -15.80 5.30
C PHE C 87 19.70 -15.93 4.22
N LEU C 88 20.92 -15.55 4.55
CA LEU C 88 22.10 -15.78 3.72
C LEU C 88 23.18 -16.53 4.48
N HIS C 89 23.53 -17.67 3.90
CA HIS C 89 24.56 -18.60 4.36
C HIS C 89 25.58 -18.08 5.39
N GLN C 90 26.47 -17.19 4.98
CA GLN C 90 27.41 -16.65 5.91
C GLN C 90 27.91 -15.34 5.37
N ASP C 91 28.76 -14.71 6.17
CA ASP C 91 29.37 -13.47 5.82
C ASP C 91 30.79 -13.64 5.21
N LEU C 92 31.23 -12.62 4.51
CA LEU C 92 32.44 -12.70 3.71
C LEU C 92 33.66 -12.97 4.60
N LYS C 93 33.67 -12.42 5.80
CA LYS C 93 34.76 -12.66 6.70
C LYS C 93 34.87 -14.17 7.02
N LYS C 94 33.76 -14.86 7.19
CA LYS C 94 33.86 -16.26 7.54
C LYS C 94 34.35 -17.06 6.38
N PHE C 95 33.98 -16.62 5.20
CA PHE C 95 34.30 -17.32 3.99
C PHE C 95 35.81 -17.11 3.66
N MET C 96 36.31 -15.89 3.84
CA MET C 96 37.73 -15.68 3.63
C MET C 96 38.49 -16.54 4.64
N ASP C 97 38.04 -16.52 5.89
CA ASP C 97 38.70 -17.29 6.89
C ASP C 97 38.65 -18.73 6.42
N ALA C 98 37.46 -19.18 6.03
CA ALA C 98 37.30 -20.57 5.65
C ALA C 98 38.18 -20.85 4.45
N SER C 99 38.64 -19.80 3.79
CA SER C 99 39.41 -19.97 2.59
C SER C 99 40.89 -19.58 2.77
N ALA C 100 41.30 -19.38 4.03
CA ALA C 100 42.67 -18.91 4.32
C ALA C 100 43.76 -19.68 3.53
N LEU C 101 43.67 -21.00 3.60
CA LEU C 101 44.55 -21.90 2.89
C LEU C 101 44.19 -22.06 1.37
N THR C 102 43.09 -22.75 1.04
CA THR C 102 42.68 -23.00 -0.36
C THR C 102 42.66 -21.75 -1.21
N GLY C 103 42.50 -20.61 -0.59
CA GLY C 103 42.33 -19.37 -1.31
C GLY C 103 41.01 -19.31 -2.06
N ILE C 104 40.79 -18.14 -2.64
CA ILE C 104 39.60 -17.81 -3.38
C ILE C 104 39.98 -17.57 -4.84
N PRO C 105 39.32 -18.31 -5.74
CA PRO C 105 39.46 -18.11 -7.18
C PRO C 105 39.17 -16.68 -7.60
N LEU C 106 40.03 -16.18 -8.47
CA LEU C 106 39.89 -14.81 -8.96
C LEU C 106 38.58 -14.49 -9.69
N PRO C 107 38.00 -15.45 -10.40
CA PRO C 107 36.68 -15.21 -10.99
C PRO C 107 35.58 -15.03 -9.91
N LEU C 108 35.79 -15.55 -8.72
CA LEU C 108 34.82 -15.34 -7.65
C LEU C 108 35.00 -13.96 -7.07
N ILE C 109 36.25 -13.65 -6.75
CA ILE C 109 36.64 -12.31 -6.38
C ILE C 109 36.07 -11.29 -7.30
N LYS C 110 36.23 -11.51 -8.59
CA LYS C 110 35.82 -10.44 -9.51
C LYS C 110 34.30 -10.32 -9.51
N SER C 111 33.61 -11.45 -9.40
CA SER C 111 32.16 -11.51 -9.38
C SER C 111 31.62 -10.86 -8.10
N TYR C 112 32.21 -11.24 -6.97
CA TYR C 112 31.84 -10.62 -5.71
C TYR C 112 32.07 -9.11 -5.74
N LEU C 113 33.21 -8.64 -6.24
CA LEU C 113 33.50 -7.19 -6.34
C LEU C 113 32.54 -6.44 -7.23
N PHE C 114 32.14 -7.10 -8.32
CA PHE C 114 31.17 -6.51 -9.27
C PHE C 114 29.80 -6.39 -8.58
N GLN C 115 29.32 -7.47 -8.02
CA GLN C 115 28.03 -7.43 -7.34
C GLN C 115 28.02 -6.33 -6.24
N LEU C 116 29.13 -6.20 -5.51
CA LEU C 116 29.15 -5.28 -4.39
C LEU C 116 29.07 -3.83 -4.90
N LEU C 117 29.70 -3.61 -6.05
CA LEU C 117 29.68 -2.28 -6.63
C LEU C 117 28.28 -1.97 -7.11
N GLN C 118 27.56 -3.00 -7.51
CA GLN C 118 26.23 -2.80 -8.03
C GLN C 118 25.36 -2.32 -6.88
N GLY C 119 25.41 -3.07 -5.78
CA GLY C 119 24.65 -2.72 -4.58
C GLY C 119 25.02 -1.34 -4.16
N LEU C 120 26.30 -1.04 -4.09
CA LEU C 120 26.68 0.25 -3.57
C LEU C 120 26.17 1.43 -4.45
N ALA C 121 26.22 1.25 -5.77
CA ALA C 121 25.93 2.33 -6.70
C ALA C 121 24.46 2.66 -6.59
N PHE C 122 23.70 1.62 -6.35
CA PHE C 122 22.30 1.72 -6.08
C PHE C 122 22.08 2.47 -4.76
N CYS C 123 22.81 2.14 -3.70
CA CYS C 123 22.68 2.93 -2.47
C CYS C 123 22.86 4.41 -2.74
N HIS C 124 23.96 4.71 -3.40
CA HIS C 124 24.43 6.07 -3.54
C HIS C 124 23.57 6.85 -4.54
N SER C 125 23.06 6.13 -5.55
CA SER C 125 22.09 6.74 -6.46
C SER C 125 20.79 6.99 -5.74
N HIS C 126 20.67 6.48 -4.52
CA HIS C 126 19.44 6.63 -3.77
C HIS C 126 19.71 7.42 -2.53
N ARG C 127 20.77 8.22 -2.59
CA ARG C 127 21.16 9.14 -1.53
C ARG C 127 21.33 8.47 -0.16
N VAL C 128 21.90 7.25 -0.12
CA VAL C 128 22.09 6.50 1.14
C VAL C 128 23.53 6.11 1.23
N LEU C 129 24.22 6.63 2.24
CA LEU C 129 25.58 6.19 2.60
C LEU C 129 25.53 4.94 3.51
N HIS C 130 26.28 3.89 3.19
CA HIS C 130 26.30 2.71 4.05
C HIS C 130 27.11 2.94 5.33
N ARG C 131 28.38 3.29 5.17
CA ARG C 131 29.22 3.74 6.27
C ARG C 131 29.74 2.63 7.22
N ASP C 132 29.48 1.37 6.89
CA ASP C 132 30.03 0.29 7.69
C ASP C 132 30.38 -0.94 6.84
N LEU C 133 30.98 -0.70 5.69
CA LEU C 133 31.25 -1.78 4.78
C LEU C 133 32.50 -2.48 5.27
N LYS C 134 32.37 -3.76 5.51
CA LYS C 134 33.48 -4.62 5.93
C LYS C 134 32.97 -6.00 5.77
N PRO C 135 33.89 -6.94 5.70
CA PRO C 135 33.55 -8.28 5.24
C PRO C 135 32.51 -8.95 6.12
N GLN C 136 32.46 -8.59 7.39
CA GLN C 136 31.46 -9.20 8.26
C GLN C 136 30.06 -8.69 8.00
N ASN C 137 29.94 -7.61 7.22
CA ASN C 137 28.64 -7.02 6.97
C ASN C 137 28.14 -7.35 5.53
N LEU C 138 28.84 -8.26 4.86
CA LEU C 138 28.50 -8.67 3.50
C LEU C 138 28.14 -10.14 3.50
N LEU C 139 26.95 -10.45 3.04
CA LEU C 139 26.50 -11.83 3.06
C LEU C 139 26.56 -12.48 1.68
N ILE C 140 26.94 -13.75 1.68
CA ILE C 140 26.91 -14.59 0.49
C ILE C 140 25.92 -15.71 0.71
N ASN C 141 25.41 -16.22 -0.40
CA ASN C 141 24.57 -17.41 -0.35
C ASN C 141 25.29 -18.61 -1.01
N THR C 142 24.61 -19.73 -1.15
CA THR C 142 25.27 -20.87 -1.80
C THR C 142 25.24 -20.85 -3.32
N GLU C 143 24.76 -19.77 -3.93
CA GLU C 143 24.62 -19.77 -5.39
C GLU C 143 25.38 -18.66 -6.07
N GLY C 144 26.34 -18.06 -5.36
CA GLY C 144 27.21 -17.10 -5.99
C GLY C 144 26.84 -15.65 -5.78
N ALA C 145 25.81 -15.40 -4.99
CA ALA C 145 25.40 -14.01 -4.78
C ALA C 145 26.07 -13.43 -3.54
N ILE C 146 26.33 -12.14 -3.53
CA ILE C 146 26.80 -11.50 -2.31
C ILE C 146 26.00 -10.22 -2.14
N LYS C 147 25.72 -9.84 -0.91
CA LYS C 147 24.89 -8.66 -0.67
C LYS C 147 25.38 -7.77 0.47
N LEU C 148 25.14 -6.46 0.32
CA LEU C 148 25.28 -5.51 1.42
C LEU C 148 24.28 -5.80 2.53
N ALA C 149 24.74 -5.80 3.78
CA ALA C 149 23.83 -5.95 4.89
C ALA C 149 24.28 -5.02 6.02
N ASP C 150 23.66 -5.16 7.19
CA ASP C 150 23.91 -4.30 8.34
C ASP C 150 23.87 -2.80 8.01
N PHE C 151 22.67 -2.30 7.80
CA PHE C 151 22.41 -0.89 7.53
C PHE C 151 22.14 -0.04 8.81
N GLY C 152 22.59 -0.53 9.95
CA GLY C 152 22.40 0.22 11.19
C GLY C 152 23.26 1.49 11.27
N LEU C 153 24.33 1.57 10.50
CA LEU C 153 25.12 2.77 10.50
C LEU C 153 24.85 3.64 9.32
N ALA C 154 23.95 3.21 8.44
CA ALA C 154 23.65 3.96 7.23
C ALA C 154 23.09 5.37 7.56
N ARG C 155 23.01 6.22 6.55
CA ARG C 155 22.27 7.47 6.68
C ARG C 155 21.88 8.06 5.33
N ALA C 156 20.76 8.76 5.32
CA ALA C 156 20.32 9.38 4.08
C ALA C 156 21.10 10.67 3.88
N PHE C 157 21.83 10.79 2.81
CA PHE C 157 22.56 12.03 2.66
C PHE C 157 21.87 13.01 1.73
N GLY C 158 22.42 14.20 1.72
CA GLY C 158 21.84 15.27 0.93
C GLY C 158 22.83 15.91 -0.02
N VAL C 159 22.30 16.51 -1.09
CA VAL C 159 23.11 17.13 -2.14
C VAL C 159 23.01 18.65 -2.07
N PRO C 160 24.12 19.29 -1.72
CA PRO C 160 25.35 18.64 -1.29
C PRO C 160 25.24 18.19 0.16
N VAL C 161 26.29 17.57 0.70
CA VAL C 161 26.18 16.97 2.02
C VAL C 161 26.34 17.97 3.14
N ARG C 162 25.83 17.58 4.32
CA ARG C 162 26.13 18.25 5.59
C ARG C 162 27.30 17.58 6.32
N THR C 163 27.67 18.11 7.47
CA THR C 163 28.57 17.41 8.38
C THR C 163 27.75 16.34 9.08
N TYR C 164 28.18 15.08 8.93
CA TYR C 164 27.46 13.96 9.55
C TYR C 164 28.23 13.40 10.75
N TPO C 165 27.88 12.16 11.29
CA TPO C 165 28.44 11.62 12.52
CB TPO C 165 27.63 10.42 12.92
CG2 TPO C 165 28.20 9.80 14.21
OG1 TPO C 165 26.28 10.89 13.08
P TPO C 165 25.12 10.32 12.16
O1P TPO C 165 23.74 10.98 12.83
O2P TPO C 165 26.01 11.12 10.98
O3P TPO C 165 25.33 8.67 12.39
C TPO C 165 29.94 11.28 12.45
O TPO C 165 30.33 10.84 11.14
N HIS C 166 31.11 11.64 13.22
CA HIS C 166 32.45 11.21 12.76
C HIS C 166 32.70 9.75 13.14
N GLU C 167 32.37 9.41 14.36
CA GLU C 167 32.50 8.03 14.81
C GLU C 167 31.69 7.14 13.91
N VAL C 168 32.29 6.64 12.84
CA VAL C 168 31.48 5.88 11.94
C VAL C 168 32.04 4.57 11.42
N VAL C 169 32.96 4.60 10.48
CA VAL C 169 33.37 3.37 9.83
C VAL C 169 34.34 2.59 10.71
N THR C 170 34.27 1.27 10.64
CA THR C 170 35.28 0.46 11.33
C THR C 170 36.67 0.84 10.88
N LEU C 171 37.54 1.06 11.85
CA LEU C 171 38.86 1.61 11.64
C LEU C 171 39.64 1.06 10.46
N TRP C 172 39.81 -0.25 10.39
CA TRP C 172 40.58 -0.81 9.29
C TRP C 172 40.04 -0.40 7.92
N TYR C 173 38.76 -0.05 7.83
CA TYR C 173 38.14 0.27 6.54
C TYR C 173 37.76 1.73 6.37
N ARG C 174 38.18 2.56 7.31
CA ARG C 174 37.89 4.01 7.33
C ARG C 174 38.80 4.77 6.36
N ALA C 175 38.23 5.73 5.64
CA ALA C 175 38.95 6.47 4.60
C ALA C 175 39.92 7.49 5.22
N PRO C 176 40.93 7.87 4.47
CA PRO C 176 41.91 8.80 5.01
C PRO C 176 41.22 10.12 5.29
N GLU C 177 40.14 10.45 4.59
CA GLU C 177 39.53 11.74 4.81
C GLU C 177 39.02 11.82 6.22
N ILE C 178 38.51 10.72 6.73
CA ILE C 178 37.89 10.72 8.04
C ILE C 178 38.98 10.74 9.12
N LEU C 179 40.04 10.01 8.89
CA LEU C 179 41.11 9.96 9.85
C LEU C 179 41.69 11.37 10.00
N LEU C 180 41.84 12.07 8.87
CA LEU C 180 42.30 13.45 8.88
C LEU C 180 41.26 14.42 9.40
N GLY C 181 40.11 13.87 9.77
CA GLY C 181 39.01 14.64 10.31
C GLY C 181 38.54 15.76 9.42
N CYS C 182 38.30 15.47 8.14
CA CYS C 182 37.71 16.45 7.24
C CYS C 182 36.35 16.88 7.76
N LYS C 183 35.85 18.02 7.27
CA LYS C 183 34.54 18.56 7.67
C LYS C 183 33.38 17.84 7.00
N TYR C 184 33.55 17.55 5.71
CA TYR C 184 32.52 16.90 4.92
C TYR C 184 33.05 15.56 4.36
N TYR C 185 32.22 14.52 4.40
CA TYR C 185 32.54 13.27 3.74
C TYR C 185 31.30 12.76 3.05
N SER C 186 31.48 11.81 2.15
CA SER C 186 30.37 11.36 1.32
C SER C 186 30.67 9.99 0.73
N THR C 187 30.07 9.69 -0.43
CA THR C 187 30.16 8.38 -1.04
C THR C 187 31.55 7.84 -1.15
N ALA C 188 32.56 8.70 -1.26
CA ALA C 188 33.91 8.22 -1.43
C ALA C 188 34.34 7.30 -0.28
N VAL C 189 33.87 7.57 0.94
CA VAL C 189 34.20 6.72 2.11
C VAL C 189 33.79 5.26 1.91
N ASP C 190 32.65 5.05 1.28
CA ASP C 190 32.20 3.72 1.00
C ASP C 190 33.06 3.04 -0.05
N ILE C 191 33.47 3.80 -1.04
CA ILE C 191 34.34 3.23 -2.05
C ILE C 191 35.66 2.78 -1.45
N TRP C 192 36.18 3.56 -0.51
CA TRP C 192 37.46 3.27 0.10
C TRP C 192 37.40 1.90 0.74
N SER C 193 36.28 1.68 1.43
CA SER C 193 36.04 0.45 2.16
C SER C 193 36.05 -0.75 1.22
N LEU C 194 35.26 -0.61 0.15
CA LEU C 194 35.22 -1.61 -0.89
C LEU C 194 36.61 -1.90 -1.45
N GLY C 195 37.46 -0.89 -1.48
CA GLY C 195 38.78 -1.07 -2.05
C GLY C 195 39.64 -1.97 -1.17
N CYS C 196 39.63 -1.61 0.13
CA CYS C 196 40.26 -2.37 1.17
C CYS C 196 39.75 -3.78 1.13
N ILE C 197 38.45 -3.92 0.86
CA ILE C 197 37.82 -5.21 0.90
C ILE C 197 38.33 -6.01 -0.29
N PHE C 198 38.36 -5.35 -1.44
CA PHE C 198 38.80 -5.97 -2.71
C PHE C 198 40.17 -6.60 -2.50
N ALA C 199 41.09 -5.79 -1.98
CA ALA C 199 42.43 -6.27 -1.64
C ALA C 199 42.34 -7.46 -0.72
N GLU C 200 41.43 -7.36 0.23
CA GLU C 200 41.39 -8.28 1.32
C GLU C 200 40.95 -9.62 0.74
N MET C 201 40.05 -9.57 -0.24
CA MET C 201 39.60 -10.80 -0.85
C MET C 201 40.75 -11.48 -1.56
N VAL C 202 41.66 -10.67 -2.08
CA VAL C 202 42.78 -11.16 -2.84
C VAL C 202 43.88 -11.77 -1.94
N THR C 203 44.20 -11.12 -0.82
CA THR C 203 45.23 -11.65 0.09
C THR C 203 44.63 -12.39 1.30
N ARG C 204 43.34 -12.21 1.52
CA ARG C 204 42.71 -12.69 2.75
C ARG C 204 43.42 -12.21 4.03
N ARG C 205 43.98 -11.03 3.97
CA ARG C 205 44.46 -10.34 5.17
C ARG C 205 44.01 -8.89 5.00
N ALA C 206 43.58 -8.26 6.09
CA ALA C 206 43.20 -6.85 6.02
C ALA C 206 44.26 -6.04 5.29
N LEU C 207 43.82 -5.03 4.56
CA LEU C 207 44.76 -4.16 3.87
C LEU C 207 45.45 -3.31 4.87
N PHE C 208 44.70 -2.66 5.73
CA PHE C 208 45.28 -1.67 6.62
C PHE C 208 44.82 -1.95 8.04
N PRO C 209 45.50 -2.88 8.70
CA PRO C 209 45.08 -3.27 10.05
C PRO C 209 45.65 -2.38 11.15
N GLY C 210 45.31 -1.11 11.17
CA GLY C 210 45.82 -0.25 12.22
C GLY C 210 45.33 -0.64 13.62
N ASP C 211 46.13 -0.29 14.64
CA ASP C 211 45.76 -0.46 16.04
C ASP C 211 45.23 0.85 16.65
N SER C 212 45.35 1.93 15.90
CA SER C 212 44.88 3.24 16.34
C SER C 212 44.82 4.14 15.14
N GLU C 213 44.16 5.27 15.29
CA GLU C 213 44.03 6.18 14.17
C GLU C 213 45.34 6.62 13.57
N ILE C 214 46.31 6.99 14.40
CA ILE C 214 47.62 7.46 13.92
C ILE C 214 48.32 6.33 13.16
N ASP C 215 48.27 5.12 13.73
CA ASP C 215 48.83 3.94 13.11
C ASP C 215 48.11 3.62 11.82
N GLN C 216 46.82 3.91 11.80
CA GLN C 216 46.04 3.63 10.61
C GLN C 216 46.63 4.47 9.50
N LEU C 217 46.89 5.74 9.79
CA LEU C 217 47.42 6.64 8.79
C LEU C 217 48.82 6.26 8.32
N PHE C 218 49.68 5.84 9.24
CA PHE C 218 51.01 5.47 8.83
C PHE C 218 50.99 4.22 7.98
N ARG C 219 50.09 3.30 8.30
CA ARG C 219 49.99 2.08 7.51
C ARG C 219 49.52 2.39 6.09
N ILE C 220 48.72 3.43 5.95
CA ILE C 220 48.25 3.81 4.63
C ILE C 220 49.38 4.46 3.85
N PHE C 221 50.10 5.36 4.49
CA PHE C 221 51.18 6.12 3.84
C PHE C 221 52.26 5.18 3.37
N ARG C 222 52.60 4.22 4.20
CA ARG C 222 53.63 3.26 3.83
C ARG C 222 53.25 2.58 2.52
N THR C 223 51.95 2.37 2.29
CA THR C 223 51.49 1.61 1.11
C THR C 223 51.18 2.49 -0.08
N LEU C 224 50.41 3.55 0.13
CA LEU C 224 50.07 4.48 -0.95
C LEU C 224 50.99 5.69 -0.92
N GLY C 225 52.06 5.61 -0.14
CA GLY C 225 53.04 6.67 -0.09
C GLY C 225 52.38 7.93 0.41
N THR C 226 53.07 8.63 1.28
CA THR C 226 52.53 9.83 1.91
C THR C 226 52.04 10.80 0.86
N PRO C 227 50.78 11.25 0.97
CA PRO C 227 50.20 12.17 0.00
C PRO C 227 50.65 13.62 0.19
N ASP C 228 50.68 14.39 -0.90
CA ASP C 228 50.99 15.82 -0.84
C ASP C 228 50.03 16.64 -1.72
N GLU C 229 50.30 17.93 -1.83
CA GLU C 229 49.44 18.84 -2.59
C GLU C 229 49.35 18.44 -4.05
N VAL C 230 50.31 17.65 -4.51
CA VAL C 230 50.36 17.25 -5.91
C VAL C 230 49.44 16.07 -6.16
N VAL C 231 49.21 15.28 -5.11
CA VAL C 231 48.36 14.11 -5.23
C VAL C 231 47.03 14.33 -4.50
N TRP C 232 47.04 15.22 -3.52
CA TRP C 232 45.86 15.49 -2.70
C TRP C 232 45.82 16.95 -2.31
N PRO C 233 45.36 17.81 -3.22
CA PRO C 233 45.26 19.25 -2.97
C PRO C 233 44.45 19.56 -1.72
N GLY C 234 45.14 19.89 -0.63
CA GLY C 234 44.47 20.28 0.62
C GLY C 234 44.87 19.49 1.85
N VAL C 235 45.90 18.65 1.71
CA VAL C 235 46.34 17.80 2.82
C VAL C 235 46.87 18.61 4.00
N THR C 236 47.91 19.40 3.77
CA THR C 236 48.56 20.16 4.84
C THR C 236 47.58 21.11 5.52
N SER C 237 46.36 21.17 5.02
CA SER C 237 45.36 22.10 5.54
C SER C 237 44.25 21.37 6.27
N MET C 238 44.42 20.08 6.50
CA MET C 238 43.40 19.28 7.16
C MET C 238 43.64 19.14 8.66
N PRO C 239 42.54 19.16 9.40
CA PRO C 239 42.56 19.16 10.87
C PRO C 239 43.62 18.30 11.54
N ASP C 240 43.68 17.01 11.21
CA ASP C 240 44.62 16.13 11.88
C ASP C 240 45.91 15.92 11.08
N TYR C 241 46.20 16.87 10.20
CA TYR C 241 47.42 16.82 9.40
C TYR C 241 48.60 17.38 10.18
N LYS C 242 49.67 16.58 10.29
CA LYS C 242 50.89 17.04 10.94
C LYS C 242 52.03 17.11 9.94
N PRO C 243 52.63 18.29 9.82
CA PRO C 243 53.75 18.52 8.91
C PRO C 243 54.88 17.51 9.10
N ALA C 249 57.20 6.92 -0.05
CA ALA C 249 57.46 5.99 -1.15
C ALA C 249 56.31 5.02 -1.38
N ARG C 250 55.59 5.24 -2.48
CA ARG C 250 54.46 4.39 -2.85
C ARG C 250 54.92 3.01 -3.29
N GLN C 251 54.57 1.99 -2.51
CA GLN C 251 54.92 0.61 -2.86
C GLN C 251 54.12 0.16 -4.08
N ASP C 252 54.82 -0.32 -5.11
CA ASP C 252 54.16 -0.85 -6.30
C ASP C 252 53.19 -1.93 -5.89
N PHE C 253 51.99 -1.89 -6.47
CA PHE C 253 50.93 -2.78 -6.07
C PHE C 253 51.26 -4.24 -6.38
N SER C 254 52.44 -4.47 -6.98
CA SER C 254 52.92 -5.82 -7.24
C SER C 254 53.38 -6.46 -5.93
N LYS C 255 53.59 -5.62 -4.93
CA LYS C 255 53.91 -6.06 -3.59
C LYS C 255 52.63 -6.08 -2.77
N VAL C 256 51.85 -5.03 -2.94
CA VAL C 256 50.60 -4.85 -2.22
C VAL C 256 49.63 -5.99 -2.54
N VAL C 257 49.28 -6.13 -3.81
CA VAL C 257 48.35 -7.16 -4.24
C VAL C 257 48.92 -7.95 -5.41
N PRO C 258 49.88 -8.82 -5.09
CA PRO C 258 50.63 -9.56 -6.11
C PRO C 258 49.77 -10.33 -7.09
N PRO C 259 48.90 -11.20 -6.60
CA PRO C 259 48.07 -12.02 -7.47
C PRO C 259 47.25 -11.22 -8.47
N LEU C 260 46.90 -9.98 -8.14
CA LEU C 260 46.07 -9.16 -9.02
C LEU C 260 46.72 -8.80 -10.35
N ASP C 261 45.96 -8.95 -11.43
CA ASP C 261 46.42 -8.61 -12.78
C ASP C 261 46.58 -7.09 -13.00
N GLU C 262 46.87 -6.68 -14.23
CA GLU C 262 47.08 -5.27 -14.58
C GLU C 262 45.81 -4.43 -14.44
N ASP C 263 44.68 -4.97 -14.88
CA ASP C 263 43.42 -4.27 -14.75
C ASP C 263 43.02 -4.15 -13.26
N GLY C 264 43.15 -5.26 -12.53
CA GLY C 264 42.79 -5.34 -11.12
C GLY C 264 43.50 -4.29 -10.31
N ARG C 265 44.80 -4.17 -10.54
CA ARG C 265 45.62 -3.20 -9.84
C ARG C 265 45.19 -1.77 -10.15
N SER C 266 44.78 -1.55 -11.38
CA SER C 266 44.36 -0.24 -11.87
C SER C 266 43.04 0.22 -11.21
N LEU C 267 42.08 -0.68 -11.19
CA LEU C 267 40.81 -0.41 -10.54
C LEU C 267 41.03 -0.29 -9.00
N LEU C 268 41.92 -1.10 -8.44
CA LEU C 268 42.14 -1.02 -7.01
C LEU C 268 42.75 0.33 -6.66
N SER C 269 43.74 0.73 -7.45
CA SER C 269 44.42 1.99 -7.23
C SER C 269 43.43 3.14 -7.33
N GLN C 270 42.43 2.98 -8.19
CA GLN C 270 41.45 4.02 -8.43
C GLN C 270 40.51 4.11 -7.25
N MET C 271 40.24 2.93 -6.69
CA MET C 271 39.36 2.85 -5.53
C MET C 271 40.00 3.42 -4.32
N LEU C 272 41.32 3.34 -4.26
CA LEU C 272 42.03 3.83 -3.09
C LEU C 272 42.77 5.15 -3.32
N HIS C 273 42.20 6.07 -4.08
CA HIS C 273 42.85 7.37 -4.27
C HIS C 273 42.61 8.29 -3.08
N TYR C 274 43.67 8.94 -2.60
CA TYR C 274 43.59 9.88 -1.48
C TYR C 274 42.47 10.92 -1.65
N ASP C 275 42.54 11.68 -2.73
CA ASP C 275 41.53 12.70 -2.95
C ASP C 275 40.14 12.07 -3.15
N PRO C 276 39.20 12.36 -2.25
CA PRO C 276 37.84 11.85 -2.40
C PRO C 276 37.21 12.24 -3.72
N ASN C 277 37.43 13.48 -4.18
CA ASN C 277 36.79 13.91 -5.43
C ASN C 277 37.25 13.00 -6.56
N LYS C 278 38.56 12.74 -6.62
CA LYS C 278 39.16 11.99 -7.73
C LYS C 278 39.03 10.47 -7.57
N ARG C 279 38.50 10.05 -6.44
CA ARG C 279 38.28 8.63 -6.19
C ARG C 279 37.12 8.19 -7.07
N ILE C 280 37.25 7.02 -7.64
CA ILE C 280 36.29 6.56 -8.61
C ILE C 280 34.98 6.23 -7.90
N SER C 281 33.88 6.46 -8.60
CA SER C 281 32.54 6.19 -8.13
C SER C 281 32.17 4.75 -8.42
N ALA C 282 31.19 4.25 -7.69
CA ALA C 282 30.78 2.86 -7.91
C ALA C 282 30.35 2.65 -9.34
N LYS C 283 29.63 3.64 -9.85
CA LYS C 283 29.11 3.59 -11.19
C LYS C 283 30.24 3.48 -12.20
N ALA C 284 31.16 4.42 -12.15
CA ALA C 284 32.35 4.36 -12.96
C ALA C 284 33.02 2.99 -12.86
N ALA C 285 33.15 2.48 -11.65
CA ALA C 285 33.91 1.28 -11.43
C ALA C 285 33.23 0.08 -12.08
N LEU C 286 31.94 0.18 -12.35
CA LEU C 286 31.24 -0.96 -12.93
C LEU C 286 31.59 -1.13 -14.42
N ALA C 287 32.23 -0.09 -14.98
CA ALA C 287 32.61 -0.05 -16.39
C ALA C 287 34.13 -0.22 -16.60
N HIS C 288 34.83 -0.59 -15.54
CA HIS C 288 36.26 -0.84 -15.63
C HIS C 288 36.51 -2.18 -16.32
N PRO C 289 37.56 -2.21 -17.15
CA PRO C 289 37.92 -3.39 -17.94
C PRO C 289 38.11 -4.63 -17.11
N PHE C 290 38.43 -4.45 -15.84
CA PHE C 290 38.53 -5.58 -14.96
C PHE C 290 37.29 -6.43 -15.11
N PHE C 291 36.15 -5.78 -15.34
CA PHE C 291 34.89 -6.50 -15.32
C PHE C 291 34.45 -6.96 -16.69
N GLN C 292 35.20 -6.56 -17.72
CA GLN C 292 34.89 -6.98 -19.08
C GLN C 292 34.47 -8.46 -19.17
N ASP C 293 35.15 -9.33 -18.41
CA ASP C 293 34.93 -10.77 -18.51
C ASP C 293 34.30 -11.45 -17.27
N VAL C 294 33.42 -10.75 -16.58
CA VAL C 294 32.92 -11.24 -15.30
C VAL C 294 31.81 -12.25 -15.46
N THR C 295 31.89 -13.31 -14.65
CA THR C 295 30.85 -14.34 -14.55
C THR C 295 30.43 -14.49 -13.10
N LYS C 296 29.50 -15.39 -12.85
CA LYS C 296 29.03 -15.67 -11.50
C LYS C 296 29.37 -17.09 -11.14
N PRO C 297 30.60 -17.32 -10.67
CA PRO C 297 30.97 -18.62 -10.12
C PRO C 297 30.26 -18.94 -8.82
N VAL C 298 30.21 -20.21 -8.52
CA VAL C 298 29.65 -20.67 -7.27
C VAL C 298 30.78 -20.86 -6.28
N PRO C 299 30.61 -20.36 -5.06
CA PRO C 299 31.61 -20.54 -4.01
C PRO C 299 31.70 -21.98 -3.61
N HIS C 300 32.92 -22.43 -3.35
CA HIS C 300 33.13 -23.77 -2.84
C HIS C 300 32.80 -23.74 -1.34
N LEU C 301 31.55 -24.06 -1.00
CA LEU C 301 31.07 -24.04 0.38
C LEU C 301 30.93 -25.44 0.98
N ARG C 302 30.62 -25.62 2.18
N VAL D 2 30.69 16.71 -5.54
CA VAL D 2 30.72 15.39 -6.26
C VAL D 2 29.46 15.23 -7.13
N PRO D 3 29.31 16.10 -8.13
CA PRO D 3 28.18 16.04 -9.05
C PRO D 3 28.10 14.73 -9.85
N ASP D 4 28.32 13.59 -9.20
CA ASP D 4 28.19 12.31 -9.89
C ASP D 4 26.74 11.82 -9.90
N TYR D 5 26.24 11.44 -8.72
CA TYR D 5 24.90 10.87 -8.58
C TYR D 5 23.83 11.94 -8.47
N HIS D 6 24.23 13.20 -8.60
CA HIS D 6 23.30 14.31 -8.47
C HIS D 6 22.01 14.11 -9.24
N GLU D 7 22.12 13.77 -10.53
CA GLU D 7 20.93 13.63 -11.37
C GLU D 7 20.13 12.38 -11.00
N ASP D 8 20.83 11.29 -10.68
CA ASP D 8 20.18 10.05 -10.25
C ASP D 8 19.36 10.25 -8.99
N ILE D 9 19.93 11.00 -8.07
CA ILE D 9 19.25 11.31 -6.81
C ILE D 9 18.08 12.28 -7.05
N HIS D 10 18.33 13.36 -7.79
CA HIS D 10 17.26 14.30 -8.18
C HIS D 10 16.07 13.52 -8.75
N THR D 11 16.36 12.67 -9.70
CA THR D 11 15.34 11.88 -10.33
C THR D 11 14.62 11.12 -9.26
N TYR D 12 15.38 10.47 -8.40
CA TYR D 12 14.84 9.66 -7.34
C TYR D 12 13.97 10.48 -6.45
N LEU D 13 14.47 11.61 -5.98
CA LEU D 13 13.67 12.46 -5.13
C LEU D 13 12.36 12.83 -5.79
N ARG D 14 12.42 13.26 -7.04
CA ARG D 14 11.19 13.66 -7.74
C ARG D 14 10.14 12.55 -7.80
N GLU D 15 10.60 11.32 -7.87
CA GLU D 15 9.69 10.19 -7.95
C GLU D 15 9.06 9.94 -6.55
N MET D 16 9.84 10.16 -5.49
CA MET D 16 9.36 9.84 -4.15
C MET D 16 8.38 10.89 -3.61
N GLU D 17 8.69 12.16 -3.85
CA GLU D 17 7.84 13.25 -3.33
C GLU D 17 6.41 13.08 -3.74
N VAL D 18 6.18 12.31 -4.79
CA VAL D 18 4.83 11.97 -5.16
C VAL D 18 4.19 10.91 -4.26
N LYS D 19 4.97 9.95 -3.78
CA LYS D 19 4.42 8.86 -2.97
C LYS D 19 4.40 9.21 -1.48
N CYS D 20 5.29 10.12 -1.07
CA CYS D 20 5.31 10.63 0.31
C CYS D 20 4.38 11.81 0.56
N LYS D 21 3.63 12.23 -0.48
CA LYS D 21 2.77 13.42 -0.37
C LYS D 21 1.47 13.12 0.39
N PRO D 22 1.15 13.99 1.36
CA PRO D 22 -0.08 13.87 2.16
C PRO D 22 -1.36 13.98 1.35
N LYS D 23 -2.48 13.60 1.96
CA LYS D 23 -3.78 13.68 1.31
C LYS D 23 -4.26 15.14 1.24
N VAL D 24 -4.13 15.70 0.04
CA VAL D 24 -4.57 17.05 -0.29
C VAL D 24 -5.55 17.75 0.66
N GLY D 25 -6.69 17.14 0.92
CA GLY D 25 -7.67 17.81 1.74
C GLY D 25 -8.02 17.05 3.00
N TYR D 26 -7.02 16.55 3.72
CA TYR D 26 -7.31 15.75 4.93
C TYR D 26 -8.08 16.53 5.96
N MET D 27 -7.73 17.80 6.11
CA MET D 27 -8.19 18.65 7.19
C MET D 27 -9.72 18.79 7.27
N LYS D 28 -10.38 18.72 6.12
CA LYS D 28 -11.84 18.75 6.07
C LYS D 28 -12.39 17.47 6.67
N LYS D 29 -11.57 16.43 6.63
CA LYS D 29 -11.97 15.15 7.15
C LYS D 29 -11.71 15.00 8.64
N GLN D 30 -10.89 15.86 9.23
CA GLN D 30 -10.66 15.91 10.68
C GLN D 30 -11.74 16.68 11.39
N PRO D 31 -12.61 16.00 12.11
CA PRO D 31 -13.75 16.65 12.76
C PRO D 31 -13.42 17.49 13.96
N ASP D 32 -12.15 17.57 14.36
CA ASP D 32 -11.88 18.28 15.57
C ASP D 32 -10.69 19.18 15.45
N ILE D 33 -10.15 19.31 14.26
CA ILE D 33 -9.04 20.22 14.12
C ILE D 33 -9.05 20.96 12.78
N THR D 34 -8.28 22.01 12.67
CA THR D 34 -8.36 22.84 11.48
C THR D 34 -7.00 23.19 11.03
N ASN D 35 -6.95 23.98 9.96
CA ASN D 35 -5.68 24.44 9.44
C ASN D 35 -5.02 25.39 10.45
N SER D 36 -5.85 26.13 11.16
CA SER D 36 -5.34 27.14 12.07
C SER D 36 -4.59 26.44 13.21
N MET D 37 -5.18 25.39 13.71
CA MET D 37 -4.49 24.59 14.72
C MET D 37 -3.18 24.03 14.16
N ARG D 38 -3.20 23.59 12.90
CA ARG D 38 -1.99 23.03 12.29
C ARG D 38 -0.90 24.06 12.26
N ALA D 39 -1.29 25.29 12.01
CA ALA D 39 -0.36 26.41 11.93
C ALA D 39 0.33 26.66 13.27
N ILE D 40 -0.45 26.65 14.32
CA ILE D 40 0.10 26.85 15.64
C ILE D 40 1.16 25.74 15.94
N LEU D 41 0.82 24.50 15.57
CA LEU D 41 1.70 23.40 15.88
C LEU D 41 3.00 23.60 15.13
N VAL D 42 2.89 23.93 13.85
CA VAL D 42 4.08 24.02 13.06
C VAL D 42 4.94 25.16 13.57
N ASP D 43 4.30 26.25 13.96
CA ASP D 43 5.02 27.44 14.46
C ASP D 43 5.74 27.10 15.77
N TRP D 44 5.08 26.32 16.61
CA TRP D 44 5.69 25.78 17.83
C TRP D 44 6.90 24.88 17.52
N LEU D 45 6.80 23.99 16.54
CA LEU D 45 7.93 23.14 16.20
C LEU D 45 9.12 23.99 15.79
N VAL D 46 8.85 25.07 15.08
CA VAL D 46 9.91 25.98 14.69
C VAL D 46 10.65 26.48 15.93
N GLU D 47 9.90 26.76 16.99
CA GLU D 47 10.48 27.25 18.24
C GLU D 47 11.36 26.19 18.86
N VAL D 48 10.78 25.02 18.99
CA VAL D 48 11.49 23.88 19.49
C VAL D 48 12.75 23.71 18.68
N GLY D 49 12.64 23.95 17.38
CA GLY D 49 13.76 23.71 16.52
C GLY D 49 14.89 24.67 16.84
N GLU D 50 14.50 25.90 17.17
CA GLU D 50 15.48 26.93 17.48
C GLU D 50 16.07 26.73 18.85
N GLU D 51 15.20 26.40 19.78
CA GLU D 51 15.63 26.18 21.16
C GLU D 51 16.68 25.08 21.20
N TYR D 52 16.49 24.03 20.43
CA TYR D 52 17.37 22.91 20.57
C TYR D 52 18.39 22.89 19.46
N LYS D 53 18.31 23.87 18.58
CA LYS D 53 19.31 24.02 17.53
C LYS D 53 19.33 22.83 16.57
N LEU D 54 18.14 22.46 16.11
CA LEU D 54 17.97 21.33 15.24
C LEU D 54 18.13 21.82 13.83
N GLN D 55 18.57 20.95 12.92
CA GLN D 55 18.65 21.26 11.52
C GLN D 55 17.29 21.65 11.00
N ASN D 56 17.28 22.45 9.95
CA ASN D 56 16.02 22.78 9.33
C ASN D 56 15.33 21.58 8.77
N GLU D 57 16.10 20.67 8.22
CA GLU D 57 15.57 19.46 7.56
C GLU D 57 14.70 18.62 8.52
N THR D 58 15.08 18.58 9.78
CA THR D 58 14.29 17.90 10.81
C THR D 58 12.90 18.48 10.94
N LEU D 59 12.82 19.81 11.09
CA LEU D 59 11.52 20.50 11.04
C LEU D 59 10.76 20.11 9.78
N HIS D 60 11.45 20.13 8.64
CA HIS D 60 10.74 19.78 7.40
C HIS D 60 10.26 18.35 7.48
N LEU D 61 11.11 17.43 7.93
CA LEU D 61 10.65 16.05 8.02
C LEU D 61 9.48 15.96 8.96
N ALA D 62 9.59 16.61 10.09
CA ALA D 62 8.55 16.44 11.12
C ALA D 62 7.17 16.87 10.59
N VAL D 63 7.16 17.94 9.83
CA VAL D 63 5.88 18.36 9.21
C VAL D 63 5.35 17.34 8.22
N ASN D 64 6.21 16.79 7.36
CA ASN D 64 5.75 15.73 6.45
C ASN D 64 5.15 14.56 7.27
N TYR D 65 5.79 14.22 8.41
CA TYR D 65 5.27 13.10 9.25
C TYR D 65 3.87 13.44 9.76
N ILE D 66 3.73 14.64 10.31
CA ILE D 66 2.44 15.05 10.86
C ILE D 66 1.34 15.03 9.79
N ASP D 67 1.57 15.66 8.64
CA ASP D 67 0.50 15.73 7.62
C ASP D 67 0.09 14.33 7.16
N ARG D 68 1.07 13.45 7.00
CA ARG D 68 0.73 12.06 6.66
C ARG D 68 -0.09 11.35 7.75
N PHE D 69 0.30 11.55 9.01
CA PHE D 69 -0.38 10.88 10.13
C PHE D 69 -1.80 11.35 10.13
N LEU D 70 -1.97 12.66 10.09
CA LEU D 70 -3.33 13.21 10.07
C LEU D 70 -4.13 12.91 8.75
N SER D 71 -3.44 12.53 7.68
CA SER D 71 -4.12 12.02 6.50
C SER D 71 -4.74 10.65 6.73
N SER D 72 -4.17 9.89 7.69
CA SER D 72 -4.69 8.53 8.01
C SER D 72 -5.53 8.45 9.31
N MET D 73 -5.23 9.26 10.32
CA MET D 73 -5.93 9.11 11.59
C MET D 73 -6.57 10.42 12.02
N SER D 74 -7.72 10.31 12.65
CA SER D 74 -8.36 11.46 13.17
C SER D 74 -7.92 11.67 14.66
N VAL D 75 -7.50 12.91 14.93
CA VAL D 75 -6.97 13.32 16.23
C VAL D 75 -7.79 14.47 16.84
N LEU D 76 -8.23 14.28 18.10
CA LEU D 76 -8.83 15.36 18.86
C LEU D 76 -7.79 16.42 19.13
N ARG D 77 -8.24 17.67 19.26
CA ARG D 77 -7.30 18.76 19.34
C ARG D 77 -6.36 18.72 20.52
N GLY D 78 -6.79 18.07 21.59
CA GLY D 78 -5.99 17.92 22.80
C GLY D 78 -4.83 16.93 22.65
N LYS D 79 -4.89 16.16 21.57
CA LYS D 79 -3.85 15.18 21.29
C LYS D 79 -2.99 15.64 20.15
N LEU D 80 -3.38 16.77 19.52
CA LEU D 80 -2.63 17.25 18.38
C LEU D 80 -1.18 17.56 18.76
N GLN D 81 -0.94 18.11 19.95
CA GLN D 81 0.43 18.46 20.26
C GLN D 81 1.25 17.19 20.51
N LEU D 82 0.64 16.14 21.01
CA LEU D 82 1.32 14.88 21.17
C LEU D 82 1.87 14.29 19.84
N VAL D 83 1.01 14.24 18.83
CA VAL D 83 1.41 13.92 17.45
C VAL D 83 2.63 14.68 17.02
N GLY D 84 2.59 15.97 17.24
CA GLY D 84 3.67 16.87 16.86
C GLY D 84 4.95 16.62 17.60
N THR D 85 4.83 16.28 18.87
CA THR D 85 5.98 16.00 19.68
C THR D 85 6.68 14.72 19.22
N ALA D 86 5.91 13.68 19.03
CA ALA D 86 6.43 12.41 18.56
C ALA D 86 7.03 12.54 17.17
N ALA D 87 6.38 13.36 16.35
CA ALA D 87 6.89 13.58 14.99
C ALA D 87 8.24 14.15 15.05
N MET D 88 8.42 15.15 15.92
CA MET D 88 9.69 15.90 15.94
C MET D 88 10.75 14.96 16.50
N LEU D 89 10.34 14.12 17.45
CA LEU D 89 11.22 13.14 18.07
C LEU D 89 11.70 12.15 17.02
N LEU D 90 10.79 11.66 16.19
CA LEU D 90 11.19 10.73 15.13
C LEU D 90 12.12 11.42 14.15
N ALA D 91 11.80 12.65 13.82
CA ALA D 91 12.56 13.36 12.82
C ALA D 91 13.94 13.59 13.34
N SER D 92 14.02 13.96 14.62
CA SER D 92 15.34 14.16 15.21
C SER D 92 16.18 12.87 15.19
N LYS D 93 15.55 11.75 15.54
CA LYS D 93 16.25 10.48 15.56
C LYS D 93 16.71 10.16 14.15
N PHE D 94 15.93 10.55 13.14
CA PHE D 94 16.30 10.20 11.79
C PHE D 94 17.45 11.04 11.27
N GLU D 95 17.36 12.35 11.49
CA GLU D 95 18.20 13.33 10.83
C GLU D 95 19.40 13.86 11.62
N GLU D 96 19.31 13.93 12.95
CA GLU D 96 20.35 14.65 13.74
C GLU D 96 21.53 13.76 14.12
N ILE D 97 22.71 14.35 14.21
CA ILE D 97 23.83 13.65 14.80
C ILE D 97 23.57 13.42 16.31
N TYR D 98 23.03 14.44 16.97
CA TYR D 98 22.85 14.46 18.42
C TYR D 98 21.40 14.86 18.80
N PRO D 99 20.43 14.00 18.60
CA PRO D 99 19.06 14.39 18.88
C PRO D 99 18.81 14.66 20.39
N PRO D 100 17.90 15.58 20.68
CA PRO D 100 17.53 15.81 22.06
C PRO D 100 17.04 14.51 22.62
N GLU D 101 17.27 14.26 23.90
CA GLU D 101 16.67 13.12 24.55
C GLU D 101 15.16 13.31 24.75
N VAL D 102 14.46 12.19 24.88
CA VAL D 102 13.02 12.21 24.97
C VAL D 102 12.60 13.19 26.07
N ALA D 103 13.32 13.14 27.18
CA ALA D 103 12.87 13.86 28.36
C ALA D 103 12.79 15.32 27.99
N GLU D 104 13.61 15.73 27.01
CA GLU D 104 13.62 17.10 26.56
C GLU D 104 12.35 17.35 25.76
N PHE D 105 11.85 16.34 25.05
CA PHE D 105 10.64 16.52 24.27
C PHE D 105 9.43 16.63 25.16
N VAL D 106 9.47 15.88 26.25
CA VAL D 106 8.46 15.99 27.27
C VAL D 106 8.49 17.38 27.93
N TYR D 107 9.69 17.84 28.25
CA TYR D 107 9.83 19.11 28.91
C TYR D 107 9.15 20.21 28.12
N ILE D 108 9.36 20.21 26.80
CA ILE D 108 8.82 21.27 25.95
C ILE D 108 7.30 21.30 25.82
N THR D 109 6.62 20.21 26.11
CA THR D 109 5.17 20.20 26.08
C THR D 109 4.57 20.65 27.43
N ASP D 110 5.36 21.37 28.23
CA ASP D 110 4.91 22.00 29.49
C ASP D 110 4.24 21.01 30.44
N ASP D 111 4.68 19.76 30.38
CA ASP D 111 4.05 18.69 31.16
C ASP D 111 2.53 18.52 30.82
N THR D 112 2.15 18.96 29.62
CA THR D 112 0.87 18.55 29.06
C THR D 112 0.70 16.99 29.00
N TYR D 113 1.76 16.26 28.67
CA TYR D 113 1.66 14.82 28.43
C TYR D 113 2.75 14.09 29.20
N THR D 114 2.64 12.78 29.39
CA THR D 114 3.73 12.06 30.06
C THR D 114 4.71 11.54 29.07
N LYS D 115 5.85 11.11 29.59
CA LYS D 115 6.88 10.54 28.75
C LYS D 115 6.33 9.27 28.08
N LYS D 116 5.56 8.51 28.83
CA LYS D 116 5.00 7.28 28.31
C LYS D 116 4.03 7.56 27.15
N GLN D 117 3.24 8.61 27.27
CA GLN D 117 2.38 9.00 26.14
C GLN D 117 3.23 9.33 24.95
N VAL D 118 4.28 10.11 25.16
CA VAL D 118 5.14 10.47 24.05
C VAL D 118 5.75 9.24 23.33
N LEU D 119 6.22 8.28 24.11
CA LEU D 119 6.90 7.11 23.55
C LEU D 119 5.93 6.20 22.82
N ARG D 120 4.76 5.99 23.40
CA ARG D 120 3.74 5.27 22.74
C ARG D 120 3.32 5.95 21.40
N MET D 121 3.24 7.29 21.39
CA MET D 121 2.77 8.00 20.20
C MET D 121 3.80 7.85 19.13
N GLU D 122 5.07 7.84 19.55
CA GLU D 122 6.16 7.53 18.67
C GLU D 122 5.93 6.24 17.87
N HIS D 123 5.55 5.20 18.59
CA HIS D 123 5.40 3.86 18.05
C HIS D 123 4.20 3.89 17.14
N LEU D 124 3.18 4.64 17.50
CA LEU D 124 2.00 4.69 16.71
C LEU D 124 2.33 5.40 15.39
N VAL D 125 3.06 6.48 15.44
CA VAL D 125 3.39 7.21 14.23
C VAL D 125 4.20 6.33 13.31
N LEU D 126 5.09 5.52 13.89
CA LEU D 126 6.02 4.75 13.09
C LEU D 126 5.23 3.74 12.31
N LYS D 127 4.27 3.13 12.98
CA LYS D 127 3.43 2.17 12.32
C LYS D 127 2.54 2.83 11.22
N VAL D 128 1.94 3.97 11.55
CA VAL D 128 0.99 4.64 10.67
C VAL D 128 1.73 5.10 9.42
N LEU D 129 3.00 5.47 9.56
CA LEU D 129 3.82 5.76 8.41
C LEU D 129 4.55 4.54 7.79
N THR D 130 4.28 3.37 8.34
CA THR D 130 5.00 2.14 8.00
C THR D 130 6.50 2.30 7.90
N PHE D 131 7.05 3.14 8.79
CA PHE D 131 8.49 3.31 8.89
C PHE D 131 9.11 4.02 7.70
N ASP D 132 8.28 4.64 6.86
CA ASP D 132 8.81 5.30 5.68
C ASP D 132 9.13 6.72 6.04
N LEU D 133 10.38 6.98 6.43
CA LEU D 133 10.67 8.26 7.02
C LEU D 133 11.59 9.10 6.22
N ALA D 134 12.18 8.55 5.17
CA ALA D 134 13.17 9.26 4.41
C ALA D 134 12.49 10.14 3.34
N ALA D 135 11.64 11.07 3.78
CA ALA D 135 10.76 11.81 2.84
C ALA D 135 11.47 13.01 2.26
N PRO D 136 11.29 13.18 0.97
CA PRO D 136 11.86 14.37 0.35
C PRO D 136 11.12 15.56 0.95
N THR D 137 11.82 16.67 1.12
CA THR D 137 11.24 17.89 1.65
C THR D 137 11.67 19.06 0.75
N VAL D 138 11.02 20.20 0.93
CA VAL D 138 11.45 21.39 0.22
C VAL D 138 12.96 21.60 0.39
N ASN D 139 13.39 21.69 1.63
CA ASN D 139 14.80 21.90 1.97
C ASN D 139 15.76 21.08 1.10
N GLN D 140 15.34 19.87 0.72
CA GLN D 140 16.22 18.94 0.02
C GLN D 140 16.42 19.40 -1.43
N PHE D 141 15.39 19.96 -2.02
CA PHE D 141 15.48 20.41 -3.40
C PHE D 141 16.13 21.79 -3.40
N LEU D 142 15.88 22.57 -2.34
CA LEU D 142 16.55 23.86 -2.19
C LEU D 142 18.05 23.71 -2.20
N THR D 143 18.54 22.80 -1.37
CA THR D 143 19.97 22.61 -1.22
C THR D 143 20.58 22.35 -2.59
N GLN D 144 19.83 21.62 -3.41
CA GLN D 144 20.26 21.18 -4.72
C GLN D 144 20.19 22.35 -5.73
N TYR D 145 19.24 23.27 -5.54
CA TYR D 145 19.08 24.39 -6.45
C TYR D 145 20.21 25.40 -6.18
N PHE D 146 20.64 25.49 -4.92
CA PHE D 146 21.66 26.44 -4.55
C PHE D 146 22.98 26.17 -5.25
N LEU D 147 23.14 24.97 -5.82
CA LEU D 147 24.41 24.60 -6.45
C LEU D 147 24.60 25.24 -7.84
N HIS D 148 23.51 25.36 -8.58
CA HIS D 148 23.51 25.96 -9.90
C HIS D 148 23.50 27.47 -9.81
N GLN D 149 23.71 27.97 -8.61
CA GLN D 149 23.78 29.40 -8.37
C GLN D 149 25.22 29.84 -8.63
N GLN D 150 25.38 30.69 -9.64
CA GLN D 150 26.70 31.24 -9.97
C GLN D 150 26.67 32.76 -9.76
N PRO D 151 27.43 33.24 -8.78
CA PRO D 151 28.13 32.38 -7.84
C PRO D 151 27.22 31.95 -6.69
N ALA D 152 27.79 31.81 -5.49
CA ALA D 152 27.00 31.47 -4.31
C ALA D 152 26.69 32.73 -3.51
N ASN D 153 25.41 33.08 -3.46
CA ASN D 153 24.97 34.26 -2.74
C ASN D 153 24.22 33.82 -1.50
N CYS D 154 24.74 34.20 -0.33
CA CYS D 154 24.19 33.69 0.92
C CYS D 154 22.80 34.26 1.27
N LYS D 155 22.60 35.56 1.05
CA LYS D 155 21.32 36.18 1.39
C LYS D 155 20.18 35.47 0.68
N VAL D 156 20.42 35.08 -0.56
CA VAL D 156 19.43 34.38 -1.36
C VAL D 156 19.13 33.07 -0.67
N GLU D 157 20.17 32.27 -0.46
CA GLU D 157 20.02 30.93 0.13
C GLU D 157 19.14 31.01 1.34
N SER D 158 19.51 31.88 2.27
CA SER D 158 18.70 32.07 3.45
C SER D 158 17.27 32.41 2.99
N LEU D 159 17.15 33.46 2.21
CA LEU D 159 15.83 34.02 1.92
C LEU D 159 14.94 32.94 1.35
N ALA D 160 15.50 32.13 0.47
CA ALA D 160 14.74 31.04 -0.12
C ALA D 160 14.34 29.99 0.92
N MET D 161 15.07 29.90 2.03
CA MET D 161 14.72 28.94 3.06
C MET D 161 13.62 29.42 3.96
N PHE D 162 13.61 30.73 4.21
CA PHE D 162 12.59 31.37 5.04
C PHE D 162 11.26 31.14 4.39
N LEU D 163 11.26 31.35 3.07
CA LEU D 163 10.04 31.24 2.29
C LEU D 163 9.58 29.78 2.28
N GLY D 164 10.55 28.89 2.17
CA GLY D 164 10.25 27.47 2.23
C GLY D 164 9.58 27.12 3.56
N GLU D 165 10.14 27.64 4.64
CA GLU D 165 9.58 27.38 5.94
C GLU D 165 8.26 28.06 6.12
N LEU D 166 8.07 29.18 5.45
CA LEU D 166 6.87 29.94 5.67
C LEU D 166 5.77 29.10 5.09
N SER D 167 6.08 28.37 4.04
CA SER D 167 5.10 27.49 3.41
C SER D 167 4.68 26.33 4.28
N LEU D 168 5.50 25.94 5.26
CA LEU D 168 5.13 24.85 6.21
C LEU D 168 3.88 25.16 7.03
N ILE D 169 3.71 26.44 7.36
CA ILE D 169 2.72 26.90 8.32
C ILE D 169 1.29 26.80 7.80
N ASP D 170 1.12 27.05 6.51
CA ASP D 170 -0.22 27.13 5.95
C ASP D 170 -0.57 25.99 5.03
N ALA D 171 -1.33 25.05 5.60
CA ALA D 171 -1.80 23.91 4.83
C ALA D 171 -2.50 24.42 3.54
N ASP D 172 -3.14 25.58 3.66
CA ASP D 172 -3.77 26.25 2.51
C ASP D 172 -2.92 27.44 2.15
N PRO D 173 -2.32 27.43 0.97
CA PRO D 173 -2.66 26.45 -0.08
C PRO D 173 -1.56 25.44 -0.34
N TYR D 174 -0.52 25.53 0.46
CA TYR D 174 0.71 24.89 0.15
C TYR D 174 0.72 23.37 0.12
N LEU D 175 -0.23 22.73 0.77
CA LEU D 175 -0.31 21.28 0.72
C LEU D 175 -0.49 20.86 -0.75
N LYS D 176 -1.07 21.72 -1.56
CA LYS D 176 -1.36 21.33 -2.94
C LYS D 176 -0.10 21.18 -3.77
N TYR D 177 0.97 21.86 -3.38
CA TYR D 177 2.20 21.86 -4.14
C TYR D 177 3.20 20.82 -3.61
N LEU D 178 4.10 20.41 -4.50
CA LEU D 178 5.13 19.46 -4.20
C LEU D 178 6.41 20.18 -3.76
N PRO D 179 7.22 19.48 -2.98
CA PRO D 179 8.45 20.07 -2.47
C PRO D 179 9.32 20.66 -3.57
N SER D 180 9.46 19.94 -4.68
CA SER D 180 10.31 20.40 -5.77
C SER D 180 9.81 21.73 -6.34
N VAL D 181 8.49 21.87 -6.41
CA VAL D 181 7.82 23.08 -6.87
C VAL D 181 7.97 24.22 -5.86
N ILE D 182 7.43 24.04 -4.66
CA ILE D 182 7.55 25.07 -3.63
C ILE D 182 8.95 25.62 -3.64
N ALA D 183 9.92 24.76 -3.87
CA ALA D 183 11.31 25.14 -3.77
C ALA D 183 11.77 25.87 -5.04
N GLY D 184 11.16 25.51 -6.16
CA GLY D 184 11.41 26.27 -7.38
C GLY D 184 10.90 27.69 -7.19
N ALA D 185 9.68 27.80 -6.69
CA ALA D 185 9.08 29.08 -6.48
C ALA D 185 9.87 29.87 -5.43
N ALA D 186 10.27 29.19 -4.36
CA ALA D 186 10.92 29.85 -3.26
C ALA D 186 12.32 30.32 -3.65
N PHE D 187 12.95 29.57 -4.55
CA PHE D 187 14.28 29.91 -5.02
C PHE D 187 14.19 31.17 -5.88
N HIS D 188 13.14 31.24 -6.68
CA HIS D 188 12.92 32.40 -7.52
C HIS D 188 12.64 33.58 -6.64
N LEU D 189 11.48 33.58 -6.01
CA LEU D 189 11.08 34.70 -5.19
C LEU D 189 12.28 35.22 -4.42
N ALA D 190 13.16 34.31 -4.04
CA ALA D 190 14.31 34.69 -3.22
C ALA D 190 15.38 35.39 -4.06
N LEU D 191 15.63 34.85 -5.24
CA LEU D 191 16.66 35.40 -6.10
C LEU D 191 16.23 36.76 -6.65
N TYR D 192 15.02 36.81 -7.20
CA TYR D 192 14.49 38.01 -7.83
C TYR D 192 14.22 39.11 -6.81
N THR D 193 14.51 38.83 -5.54
CA THR D 193 14.31 39.80 -4.48
C THR D 193 15.63 40.44 -4.08
N VAL D 194 16.73 39.71 -4.22
CA VAL D 194 18.02 40.22 -3.79
C VAL D 194 18.90 40.62 -4.98
N THR D 195 18.81 39.88 -6.07
CA THR D 195 19.63 40.16 -7.24
C THR D 195 18.79 40.68 -8.40
N GLY D 196 17.49 40.43 -8.34
CA GLY D 196 16.60 40.83 -9.42
C GLY D 196 16.70 39.88 -10.58
N GLN D 197 17.27 38.70 -10.34
CA GLN D 197 17.37 37.67 -11.37
C GLN D 197 16.14 36.80 -11.41
N SER D 198 16.25 35.61 -12.00
CA SER D 198 15.10 34.74 -12.13
C SER D 198 15.49 33.28 -12.23
N TRP D 199 14.51 32.43 -12.47
CA TRP D 199 14.72 31.00 -12.60
C TRP D 199 15.75 30.73 -13.70
N PRO D 200 16.95 30.33 -13.30
CA PRO D 200 18.05 30.09 -14.25
C PRO D 200 17.79 28.92 -15.17
N GLU D 201 18.35 29.00 -16.37
CA GLU D 201 18.13 27.99 -17.40
C GLU D 201 18.73 26.67 -16.95
N SER D 202 19.83 26.75 -16.21
CA SER D 202 20.48 25.57 -15.67
C SER D 202 19.45 24.72 -14.89
N LEU D 203 18.65 25.38 -14.07
CA LEU D 203 17.61 24.67 -13.33
C LEU D 203 16.46 24.27 -14.23
N ILE D 204 16.27 25.01 -15.31
CA ILE D 204 15.17 24.73 -16.21
C ILE D 204 15.35 23.38 -16.87
N ARG D 205 16.61 23.02 -17.12
CA ARG D 205 16.93 21.75 -17.78
C ARG D 205 16.99 20.58 -16.78
N LYS D 206 17.29 20.90 -15.52
CA LYS D 206 17.40 19.90 -14.46
C LYS D 206 16.02 19.48 -13.99
N THR D 207 15.23 20.48 -13.59
CA THR D 207 13.91 20.25 -13.01
C THR D 207 12.84 20.03 -14.07
N GLY D 208 12.97 20.73 -15.20
CA GLY D 208 11.96 20.71 -16.23
C GLY D 208 10.82 21.62 -15.82
N TYR D 209 11.10 22.48 -14.84
CA TYR D 209 10.13 23.44 -14.35
C TYR D 209 10.35 24.76 -15.05
N THR D 210 9.32 25.23 -15.72
CA THR D 210 9.35 26.54 -16.34
C THR D 210 8.72 27.54 -15.41
N LEU D 211 9.32 28.73 -15.38
CA LEU D 211 8.86 29.82 -14.54
C LEU D 211 7.36 30.08 -14.76
N GLU D 212 6.80 29.46 -15.79
CA GLU D 212 5.36 29.54 -16.03
C GLU D 212 4.65 28.55 -15.15
N SER D 213 5.19 27.33 -15.12
CA SER D 213 4.63 26.24 -14.32
C SER D 213 4.77 26.58 -12.85
N LEU D 214 5.85 27.29 -12.53
CA LEU D 214 6.11 27.74 -11.17
C LEU D 214 5.29 28.96 -10.79
N LYS D 215 4.56 29.51 -11.74
CA LYS D 215 3.93 30.80 -11.50
C LYS D 215 2.90 30.71 -10.38
N PRO D 216 1.95 29.79 -10.48
CA PRO D 216 0.86 29.73 -9.50
C PRO D 216 1.41 29.67 -8.07
N CYS D 217 2.21 28.64 -7.79
CA CYS D 217 2.85 28.49 -6.49
C CYS D 217 3.61 29.78 -6.22
N LEU D 218 4.25 30.28 -7.25
CA LEU D 218 4.98 31.51 -7.14
C LEU D 218 3.99 32.64 -6.79
N MET D 219 2.73 32.45 -7.16
CA MET D 219 1.71 33.45 -6.86
C MET D 219 1.39 33.51 -5.36
N ASP D 220 0.99 32.37 -4.79
CA ASP D 220 0.65 32.31 -3.37
C ASP D 220 1.83 32.75 -2.55
N LEU D 221 3.00 32.25 -2.94
CA LEU D 221 4.21 32.45 -2.17
C LEU D 221 4.51 33.92 -2.09
N HIS D 222 4.27 34.63 -3.19
CA HIS D 222 4.44 36.09 -3.19
C HIS D 222 3.48 36.72 -2.19
N GLN D 223 2.23 36.31 -2.21
CA GLN D 223 1.25 36.89 -1.28
C GLN D 223 1.70 36.64 0.15
N THR D 224 2.02 35.37 0.43
CA THR D 224 2.45 34.96 1.77
C THR D 224 3.57 35.86 2.22
N TYR D 225 4.59 35.98 1.36
CA TYR D 225 5.78 36.79 1.70
C TYR D 225 5.34 38.20 2.03
N LEU D 226 4.40 38.72 1.25
CA LEU D 226 3.92 40.09 1.46
C LEU D 226 3.19 40.25 2.77
N LYS D 227 2.20 39.39 3.00
CA LYS D 227 1.37 39.49 4.20
C LYS D 227 2.01 38.78 5.37
N ALA D 228 3.31 38.56 5.30
CA ALA D 228 4.02 37.78 6.32
C ALA D 228 4.02 38.48 7.68
N PRO D 229 4.26 39.79 7.69
CA PRO D 229 4.39 40.49 8.96
C PRO D 229 3.06 40.65 9.65
N GLN D 230 2.01 40.23 8.97
CA GLN D 230 0.69 40.24 9.59
C GLN D 230 0.18 38.85 10.00
N HIS D 231 1.03 37.83 9.85
CA HIS D 231 0.61 36.46 10.14
C HIS D 231 0.48 36.20 11.63
N ALA D 232 -0.60 35.57 12.06
CA ALA D 232 -0.71 35.21 13.47
C ALA D 232 0.58 34.52 13.97
N GLN D 233 1.20 33.74 13.11
CA GLN D 233 2.34 32.98 13.54
C GLN D 233 3.56 33.69 13.07
N GLN D 234 4.49 33.97 13.99
CA GLN D 234 5.62 34.82 13.68
C GLN D 234 7.00 34.15 13.81
N SER D 235 7.03 32.96 14.42
CA SER D 235 8.26 32.33 14.86
C SER D 235 9.27 32.28 13.76
N ILE D 236 8.81 32.02 12.55
CA ILE D 236 9.73 31.93 11.41
C ILE D 236 10.29 33.30 11.10
N ARG D 237 9.43 34.32 11.05
CA ARG D 237 9.92 35.67 10.82
C ARG D 237 10.95 36.02 11.88
N GLU D 238 10.61 35.76 13.14
CA GLU D 238 11.53 36.03 14.22
C GLU D 238 12.81 35.20 14.07
N LYS D 239 12.70 33.98 13.53
CA LYS D 239 13.87 33.13 13.35
C LYS D 239 14.86 33.69 12.34
N TYR D 240 14.34 34.18 11.21
CA TYR D 240 15.21 34.67 10.15
C TYR D 240 15.54 36.17 10.30
N LYS D 241 15.82 36.57 11.53
CA LYS D 241 16.34 37.89 11.83
C LYS D 241 17.83 37.76 12.21
N ASN D 242 18.14 36.83 13.10
CA ASN D 242 19.51 36.63 13.55
C ASN D 242 20.50 36.64 12.39
N SER D 243 21.76 36.93 12.71
CA SER D 243 22.83 36.88 11.73
C SER D 243 22.93 35.53 11.05
N LYS D 244 22.55 34.47 11.76
CA LYS D 244 22.65 33.14 11.20
C LYS D 244 22.02 33.15 9.81
N TYR D 245 20.89 33.85 9.69
CA TYR D 245 20.14 33.86 8.44
C TYR D 245 20.23 35.20 7.71
N HIS D 246 21.22 36.00 8.07
CA HIS D 246 21.45 37.28 7.41
C HIS D 246 20.23 38.21 7.49
N GLY D 247 19.41 38.01 8.52
CA GLY D 247 18.20 38.79 8.71
C GLY D 247 17.40 39.00 7.44
N VAL D 248 17.22 37.94 6.65
CA VAL D 248 16.51 38.09 5.40
C VAL D 248 15.03 38.33 5.65
N SER D 249 14.56 37.97 6.84
CA SER D 249 13.14 38.10 7.13
C SER D 249 12.75 39.57 7.13
N LEU D 250 13.65 40.42 7.61
CA LEU D 250 13.33 41.83 7.80
C LEU D 250 13.22 42.56 6.47
N LEU D 251 13.86 42.02 5.45
CA LEU D 251 13.89 42.64 4.12
C LEU D 251 12.50 43.01 3.59
N ASN D 252 12.49 43.76 2.49
CA ASN D 252 11.25 44.17 1.87
C ASN D 252 10.97 43.37 0.60
N PRO D 253 9.86 42.64 0.62
CA PRO D 253 9.50 41.76 -0.49
C PRO D 253 9.11 42.56 -1.71
N PRO D 254 9.39 42.04 -2.90
CA PRO D 254 8.99 42.69 -4.14
C PRO D 254 7.48 42.88 -4.22
N GLU D 255 7.01 43.52 -5.28
CA GLU D 255 5.58 43.78 -5.43
C GLU D 255 5.06 43.34 -6.81
N THR D 256 5.98 43.12 -7.74
CA THR D 256 5.62 42.61 -9.05
C THR D 256 6.63 41.57 -9.49
N LEU D 257 6.14 40.56 -10.20
CA LEU D 257 6.99 39.47 -10.65
C LEU D 257 7.14 39.49 -12.17
N ASN D 258 6.27 40.24 -12.84
CA ASN D 258 6.30 40.31 -14.30
C ASN D 258 5.82 39.00 -14.90
N LEU D 259 4.78 38.44 -14.30
CA LEU D 259 4.18 37.19 -14.76
C LEU D 259 2.81 37.47 -15.37
N ARG E 6 -5.61 -35.73 -4.03
CA ARG E 6 -4.28 -35.98 -4.64
C ARG E 6 -3.18 -35.09 -4.04
N ASN E 7 -2.13 -35.72 -3.53
CA ASN E 7 -0.92 -35.01 -3.13
C ASN E 7 -0.11 -34.56 -4.36
N LEU E 8 0.42 -33.34 -4.28
CA LEU E 8 1.12 -32.74 -5.42
C LEU E 8 2.65 -32.86 -5.33
N PHE E 9 3.31 -31.84 -4.81
CA PHE E 9 4.77 -31.75 -4.86
C PHE E 9 5.45 -32.48 -3.72
N GLY E 10 4.66 -33.05 -2.81
CA GLY E 10 5.21 -33.84 -1.73
C GLY E 10 5.38 -35.28 -2.14
N PRO E 11 6.11 -36.06 -1.35
CA PRO E 11 6.35 -37.47 -1.66
C PRO E 11 5.03 -38.24 -1.88
#